data_5M7P
#
_entry.id   5M7P
#
_cell.length_a   116.979
_cell.length_b   190.840
_cell.length_c   111.883
_cell.angle_alpha   90.00
_cell.angle_beta   90.00
_cell.angle_gamma   90.00
#
_symmetry.space_group_name_H-M   'C 2 2 21'
#
loop_
_entity.id
_entity.type
_entity.pdbx_description
1 polymer 'Nitrogen assimilation regulatory protein'
2 non-polymer 'MAGNESIUM ION'
3 non-polymer "ADENOSINE-5'-DIPHOSPHATE"
4 water water
#
_entity_poly.entity_id   1
_entity_poly.type   'polypeptide(L)'
_entity_poly.pdbx_seq_one_letter_code
;GMAADILVVDDEVDIRDLVAGILSDEGHETRTAFDADSALAAINDRAPRLVFLDIWLQGSRLDGLALLDEIKKQHPELPV
VMISGHGNIETAVSAIRRGAYDFIEKPFKADRLILVAERALETSKLKREVSDLRKRTGDQLELVGTSLAMNQLRQTIERV
APTNSRIMITGPSGAGKELVARAIHAQSSRANGPFVTVNAATITPERMEIELFGTEMDGGERKVGALEEAHGGILYLDEV
ADMPRETQNKILRVLVDQQFERVGGTKRVKVDVRIISSTAQNLEGMIAEGTFREDLFHRLSVVPVQVPALAARREDIPSL
VEFFMKQIAEQAGIKPRKIGPDAMAVLQAHSWPGNLRQLRNNVERLMILTRGDDPDELVTADLLPAEIGDTLPRAPTESD
QHIMALPLREARERFEKEYLIAQINRFGGNISRTAEFVGMERSALHRKLKSLGV
;
_entity_poly.pdbx_strand_id   A,B
#
# COMPACT_ATOMS: atom_id res chain seq x y z
N MET A 2 8.03 -12.29 22.23
CA MET A 2 6.60 -12.02 22.33
C MET A 2 6.07 -12.11 23.78
N ALA A 3 5.47 -11.02 24.28
CA ALA A 3 4.87 -10.95 25.62
C ALA A 3 3.40 -10.60 25.44
N ALA A 4 2.59 -11.61 25.10
CA ALA A 4 1.19 -11.40 24.81
C ALA A 4 0.24 -11.59 26.00
N ASP A 5 -0.92 -10.95 25.91
CA ASP A 5 -2.01 -11.07 26.86
C ASP A 5 -2.84 -12.26 26.33
N ILE A 6 -2.78 -13.41 27.03
CA ILE A 6 -3.47 -14.64 26.62
C ILE A 6 -4.62 -15.04 27.58
N LEU A 7 -5.83 -15.19 27.05
CA LEU A 7 -6.95 -15.66 27.84
C LEU A 7 -7.09 -17.18 27.69
N VAL A 8 -7.06 -17.92 28.82
CA VAL A 8 -7.17 -19.38 28.85
C VAL A 8 -8.56 -19.76 29.37
N VAL A 9 -9.39 -20.40 28.54
CA VAL A 9 -10.75 -20.79 28.90
C VAL A 9 -10.91 -22.32 28.87
N ASP A 10 -11.08 -22.92 30.07
CA ASP A 10 -11.26 -24.36 30.26
C ASP A 10 -11.99 -24.65 31.57
N ASP A 11 -12.99 -25.55 31.54
CA ASP A 11 -13.77 -25.93 32.73
C ASP A 11 -12.95 -26.71 33.74
N GLU A 12 -11.81 -27.30 33.27
CA GLU A 12 -10.91 -28.07 34.12
C GLU A 12 -9.80 -27.19 34.65
N VAL A 13 -9.84 -26.97 35.98
CA VAL A 13 -8.91 -26.17 36.79
C VAL A 13 -7.48 -26.64 36.58
N ASP A 14 -7.29 -27.96 36.49
CA ASP A 14 -5.99 -28.55 36.25
C ASP A 14 -5.45 -28.09 34.89
N ILE A 15 -6.36 -27.97 33.91
CA ILE A 15 -6.01 -27.58 32.54
C ILE A 15 -5.68 -26.09 32.43
N ARG A 16 -6.52 -25.22 33.01
CA ARG A 16 -6.30 -23.78 33.04
C ARG A 16 -4.97 -23.43 33.64
N ASP A 17 -4.66 -24.02 34.81
CA ASP A 17 -3.43 -23.78 35.54
C ASP A 17 -2.21 -24.17 34.76
N LEU A 18 -2.28 -25.29 34.03
CA LEU A 18 -1.17 -25.82 33.23
C LEU A 18 -0.89 -24.95 31.99
N VAL A 19 -1.95 -24.54 31.27
CA VAL A 19 -1.82 -23.69 30.08
C VAL A 19 -1.33 -22.29 30.50
N ALA A 20 -1.98 -21.69 31.51
CA ALA A 20 -1.60 -20.39 32.07
C ALA A 20 -0.19 -20.42 32.67
N GLY A 21 0.18 -21.55 33.28
CA GLY A 21 1.50 -21.73 33.86
C GLY A 21 2.61 -21.79 32.85
N ILE A 22 2.49 -22.67 31.83
CA ILE A 22 3.50 -22.83 30.77
C ILE A 22 3.71 -21.52 30.01
N LEU A 23 2.61 -20.87 29.59
CA LEU A 23 2.66 -19.64 28.81
C LEU A 23 3.16 -18.47 29.65
N SER A 24 2.73 -18.37 30.93
CA SER A 24 3.23 -17.34 31.84
C SER A 24 4.72 -17.49 32.10
N ASP A 25 5.23 -18.74 32.14
CA ASP A 25 6.66 -19.01 32.33
C ASP A 25 7.47 -18.72 31.06
N GLU A 26 6.78 -18.69 29.90
CA GLU A 26 7.40 -18.38 28.61
C GLU A 26 7.65 -16.85 28.44
N GLY A 27 6.98 -16.05 29.29
CA GLY A 27 7.10 -14.60 29.31
C GLY A 27 5.79 -13.87 29.05
N HIS A 28 4.72 -14.62 28.76
CA HIS A 28 3.39 -14.07 28.47
C HIS A 28 2.65 -13.65 29.74
N GLU A 29 1.59 -12.85 29.55
CA GLU A 29 0.69 -12.43 30.61
C GLU A 29 -0.55 -13.29 30.38
N THR A 30 -0.88 -14.21 31.31
CA THR A 30 -2.03 -15.12 31.14
C THR A 30 -3.12 -14.85 32.14
N ARG A 31 -4.38 -14.91 31.65
CA ARG A 31 -5.62 -14.74 32.39
C ARG A 31 -6.43 -16.01 32.18
N THR A 32 -7.32 -16.32 33.12
CA THR A 32 -8.14 -17.53 33.06
C THR A 32 -9.62 -17.24 33.25
N ALA A 33 -10.45 -18.13 32.74
CA ALA A 33 -11.90 -18.13 32.84
C ALA A 33 -12.36 -19.62 32.77
N PHE A 34 -13.45 -19.99 33.48
CA PHE A 34 -13.93 -21.39 33.59
C PHE A 34 -15.28 -21.64 32.94
N ASP A 35 -15.90 -20.58 32.39
CA ASP A 35 -17.17 -20.64 31.68
C ASP A 35 -17.30 -19.43 30.76
N ALA A 36 -18.38 -19.40 29.94
CA ALA A 36 -18.60 -18.34 28.96
C ALA A 36 -18.63 -16.96 29.57
N ASP A 37 -19.45 -16.76 30.63
CA ASP A 37 -19.63 -15.47 31.30
C ASP A 37 -18.36 -14.94 31.93
N SER A 38 -17.55 -15.82 32.58
CA SER A 38 -16.26 -15.40 33.14
C SER A 38 -15.30 -15.01 31.99
N ALA A 39 -15.35 -15.74 30.84
CA ALA A 39 -14.54 -15.47 29.66
C ALA A 39 -14.91 -14.13 29.00
N LEU A 40 -16.21 -13.87 28.84
CA LEU A 40 -16.70 -12.61 28.24
C LEU A 40 -16.44 -11.41 29.16
N ALA A 41 -16.42 -11.65 30.49
CA ALA A 41 -16.13 -10.62 31.49
C ALA A 41 -14.65 -10.27 31.41
N ALA A 42 -13.80 -11.28 31.17
CA ALA A 42 -12.36 -11.14 31.01
C ALA A 42 -12.06 -10.39 29.72
N ILE A 43 -12.79 -10.65 28.62
CA ILE A 43 -12.60 -9.95 27.33
C ILE A 43 -13.03 -8.46 27.49
N ASN A 44 -14.09 -8.20 28.28
CA ASN A 44 -14.61 -6.88 28.58
C ASN A 44 -13.60 -6.09 29.43
N ASP A 45 -12.83 -6.78 30.30
CA ASP A 45 -11.81 -6.13 31.13
C ASP A 45 -10.79 -5.47 30.23
N ARG A 46 -10.34 -6.24 29.22
CA ARG A 46 -9.35 -5.90 28.19
C ARG A 46 -9.32 -7.02 27.15
N ALA A 47 -9.32 -6.64 25.88
CA ALA A 47 -9.25 -7.56 24.74
C ALA A 47 -7.88 -8.24 24.73
N PRO A 48 -7.83 -9.59 24.79
CA PRO A 48 -6.53 -10.27 24.76
C PRO A 48 -5.98 -10.32 23.35
N ARG A 49 -4.73 -10.76 23.21
CA ARG A 49 -4.10 -10.93 21.92
C ARG A 49 -4.36 -12.35 21.39
N LEU A 50 -4.75 -13.29 22.30
CA LEU A 50 -4.98 -14.71 22.00
C LEU A 50 -5.89 -15.37 23.01
N VAL A 51 -6.72 -16.31 22.54
CA VAL A 51 -7.63 -17.11 23.39
C VAL A 51 -7.35 -18.61 23.19
N PHE A 52 -7.26 -19.37 24.31
CA PHE A 52 -7.20 -20.84 24.33
C PHE A 52 -8.60 -21.24 24.81
N LEU A 53 -9.31 -22.06 24.03
CA LEU A 53 -10.69 -22.38 24.34
C LEU A 53 -11.03 -23.86 24.26
N ASP A 54 -11.45 -24.46 25.39
CA ASP A 54 -11.88 -25.86 25.46
C ASP A 54 -13.15 -25.99 24.62
N ILE A 55 -13.24 -27.06 23.81
CA ILE A 55 -14.41 -27.25 22.95
C ILE A 55 -15.69 -27.57 23.74
N TRP A 56 -15.54 -28.23 24.89
CA TRP A 56 -16.69 -28.69 25.66
C TRP A 56 -17.35 -27.62 26.54
N LEU A 57 -16.66 -27.12 27.59
CA LEU A 57 -17.16 -26.10 28.50
C LEU A 57 -18.46 -26.49 29.24
N GLN A 58 -18.37 -27.52 30.10
CA GLN A 58 -19.48 -27.99 30.93
C GLN A 58 -19.71 -27.01 32.10
N GLY A 59 -20.99 -26.90 32.50
CA GLY A 59 -21.43 -26.01 33.58
C GLY A 59 -21.39 -24.54 33.18
N SER A 60 -21.45 -24.29 31.87
CA SER A 60 -21.38 -22.96 31.27
C SER A 60 -22.69 -22.60 30.58
N ARG A 61 -23.01 -21.30 30.52
CA ARG A 61 -24.19 -20.76 29.83
C ARG A 61 -24.17 -21.13 28.34
N LEU A 62 -22.95 -21.15 27.75
CA LEU A 62 -22.67 -21.52 26.35
C LEU A 62 -21.50 -22.49 26.31
N ASP A 63 -21.57 -23.51 25.43
CA ASP A 63 -20.48 -24.47 25.21
C ASP A 63 -19.34 -23.82 24.41
N GLY A 64 -18.23 -24.53 24.30
CA GLY A 64 -17.03 -24.07 23.60
C GLY A 64 -17.21 -23.52 22.20
N LEU A 65 -18.04 -24.18 21.37
CA LEU A 65 -18.29 -23.76 19.99
C LEU A 65 -19.22 -22.54 19.91
N ALA A 66 -20.15 -22.43 20.86
CA ALA A 66 -21.06 -21.30 20.99
C ALA A 66 -20.26 -20.07 21.49
N LEU A 67 -19.29 -20.27 22.41
CA LEU A 67 -18.45 -19.18 22.92
C LEU A 67 -17.46 -18.70 21.85
N LEU A 68 -16.96 -19.65 21.02
CA LEU A 68 -16.07 -19.40 19.89
C LEU A 68 -16.76 -18.39 18.97
N ASP A 69 -18.05 -18.62 18.70
CA ASP A 69 -18.91 -17.77 17.86
C ASP A 69 -19.08 -16.39 18.45
N GLU A 70 -19.27 -16.30 19.79
CA GLU A 70 -19.44 -15.01 20.47
C GLU A 70 -18.12 -14.19 20.49
N ILE A 71 -16.97 -14.86 20.68
CA ILE A 71 -15.65 -14.23 20.67
C ILE A 71 -15.34 -13.65 19.27
N LYS A 72 -15.52 -14.44 18.21
CA LYS A 72 -15.28 -14.05 16.83
C LYS A 72 -16.20 -12.92 16.32
N LYS A 73 -17.43 -12.82 16.88
CA LYS A 73 -18.39 -11.77 16.52
C LYS A 73 -17.91 -10.43 17.08
N GLN A 74 -17.55 -10.40 18.39
CA GLN A 74 -17.06 -9.22 19.11
C GLN A 74 -15.68 -8.78 18.61
N HIS A 75 -14.78 -9.77 18.36
CA HIS A 75 -13.40 -9.57 17.91
C HIS A 75 -13.07 -10.49 16.74
N PRO A 76 -13.39 -10.09 15.48
CA PRO A 76 -13.11 -10.97 14.31
C PRO A 76 -11.66 -11.35 14.06
N GLU A 77 -10.70 -10.49 14.42
CA GLU A 77 -9.27 -10.69 14.21
C GLU A 77 -8.53 -11.35 15.41
N LEU A 78 -9.26 -11.68 16.49
CA LEU A 78 -8.68 -12.29 17.68
C LEU A 78 -8.51 -13.81 17.45
N PRO A 79 -7.25 -14.34 17.40
CA PRO A 79 -7.10 -15.79 17.19
C PRO A 79 -7.54 -16.60 18.40
N VAL A 80 -8.27 -17.70 18.13
CA VAL A 80 -8.79 -18.64 19.11
C VAL A 80 -8.22 -20.03 18.75
N VAL A 81 -7.49 -20.64 19.70
CA VAL A 81 -6.93 -21.99 19.58
C VAL A 81 -7.79 -22.83 20.49
N MET A 82 -8.34 -23.93 19.98
CA MET A 82 -9.18 -24.81 20.78
C MET A 82 -8.37 -25.83 21.57
N ILE A 83 -8.92 -26.27 22.72
CA ILE A 83 -8.34 -27.35 23.53
C ILE A 83 -9.31 -28.51 23.35
N SER A 84 -8.80 -29.66 22.89
CA SER A 84 -9.64 -30.82 22.65
C SER A 84 -9.08 -32.07 23.30
N GLY A 85 -9.95 -33.02 23.59
CA GLY A 85 -9.54 -34.31 24.15
C GLY A 85 -9.13 -35.25 23.03
N HIS A 86 -8.48 -36.36 23.39
CA HIS A 86 -8.07 -37.40 22.42
C HIS A 86 -9.32 -38.02 21.78
N GLY A 87 -9.28 -38.23 20.47
CA GLY A 87 -10.38 -38.79 19.68
C GLY A 87 -11.57 -37.86 19.47
N ASN A 88 -11.33 -36.55 19.57
CA ASN A 88 -12.37 -35.52 19.38
C ASN A 88 -12.09 -34.70 18.14
N ILE A 89 -11.21 -35.20 17.26
CA ILE A 89 -10.76 -34.48 16.06
C ILE A 89 -11.90 -33.95 15.16
N GLU A 90 -13.03 -34.67 15.03
CA GLU A 90 -14.11 -34.17 14.18
C GLU A 90 -14.65 -32.83 14.70
N THR A 91 -14.84 -32.74 16.03
CA THR A 91 -15.32 -31.54 16.72
C THR A 91 -14.28 -30.41 16.63
N ALA A 92 -12.97 -30.74 16.67
CA ALA A 92 -11.87 -29.77 16.56
C ALA A 92 -11.78 -29.17 15.16
N VAL A 93 -11.91 -30.00 14.11
CA VAL A 93 -11.86 -29.58 12.69
C VAL A 93 -13.09 -28.68 12.40
N SER A 94 -14.21 -28.95 13.09
CA SER A 94 -15.46 -28.20 13.01
C SER A 94 -15.26 -26.78 13.53
N ALA A 95 -14.43 -26.62 14.59
CA ALA A 95 -14.09 -25.34 15.21
C ALA A 95 -13.22 -24.50 14.27
N ILE A 96 -12.29 -25.15 13.54
CA ILE A 96 -11.42 -24.51 12.55
C ILE A 96 -12.30 -23.86 11.47
N ARG A 97 -13.27 -24.62 10.93
CA ARG A 97 -14.23 -24.14 9.94
C ARG A 97 -15.15 -23.04 10.49
N ARG A 98 -15.39 -23.03 11.81
CA ARG A 98 -16.20 -22.01 12.49
C ARG A 98 -15.42 -20.72 12.83
N GLY A 99 -14.10 -20.75 12.69
CA GLY A 99 -13.25 -19.58 12.94
C GLY A 99 -12.02 -19.76 13.81
N ALA A 100 -11.82 -20.96 14.39
CA ALA A 100 -10.64 -21.20 15.22
C ALA A 100 -9.39 -21.31 14.35
N TYR A 101 -8.28 -20.79 14.86
CA TYR A 101 -7.01 -20.80 14.14
C TYR A 101 -6.41 -22.20 14.09
N ASP A 102 -6.39 -22.89 15.23
CA ASP A 102 -5.78 -24.21 15.36
C ASP A 102 -6.36 -24.89 16.61
N PHE A 103 -5.84 -26.06 16.96
CA PHE A 103 -6.28 -26.77 18.15
C PHE A 103 -5.12 -27.50 18.76
N ILE A 104 -5.23 -27.75 20.05
CA ILE A 104 -4.21 -28.46 20.80
C ILE A 104 -4.88 -29.66 21.43
N GLU A 105 -4.29 -30.80 21.22
CA GLU A 105 -4.89 -32.03 21.71
C GLU A 105 -4.33 -32.44 23.05
N LYS A 106 -5.24 -32.62 24.03
CA LYS A 106 -4.87 -33.14 25.36
C LYS A 106 -4.59 -34.62 25.19
N PRO A 107 -3.45 -35.13 25.74
CA PRO A 107 -2.40 -34.42 26.47
C PRO A 107 -1.26 -33.95 25.58
N PHE A 108 -0.70 -32.81 25.95
CA PHE A 108 0.34 -32.15 25.16
C PHE A 108 1.62 -31.80 25.91
N LYS A 109 2.69 -31.63 25.13
CA LYS A 109 3.99 -31.19 25.61
C LYS A 109 3.93 -29.68 25.78
N ALA A 110 4.75 -29.17 26.70
CA ALA A 110 4.86 -27.74 26.99
C ALA A 110 5.37 -27.01 25.76
N ASP A 111 6.35 -27.59 25.06
CA ASP A 111 6.95 -27.04 23.84
C ASP A 111 5.97 -26.94 22.65
N ARG A 112 4.97 -27.84 22.61
CA ARG A 112 3.91 -27.86 21.60
C ARG A 112 2.98 -26.67 21.82
N LEU A 113 2.52 -26.46 23.08
CA LEU A 113 1.66 -25.34 23.48
C LEU A 113 2.36 -24.02 23.21
N ILE A 114 3.67 -23.93 23.50
CA ILE A 114 4.51 -22.75 23.28
C ILE A 114 4.54 -22.40 21.79
N LEU A 115 4.73 -23.42 20.93
CA LEU A 115 4.80 -23.33 19.47
C LEU A 115 3.45 -22.93 18.85
N VAL A 116 2.32 -23.50 19.33
CA VAL A 116 0.96 -23.16 18.83
C VAL A 116 0.64 -21.67 19.12
N ALA A 117 1.01 -21.18 20.34
CA ALA A 117 0.81 -19.79 20.79
C ALA A 117 1.57 -18.85 19.87
N GLU A 118 2.87 -19.09 19.68
CA GLU A 118 3.78 -18.30 18.84
C GLU A 118 3.28 -18.17 17.38
N ARG A 119 2.87 -19.30 16.78
CA ARG A 119 2.34 -19.41 15.43
C ARG A 119 1.02 -18.66 15.25
N ALA A 120 0.12 -18.77 16.23
CA ALA A 120 -1.16 -18.05 16.22
C ALA A 120 -0.93 -16.54 16.29
N LEU A 121 0.03 -16.12 17.13
CA LEU A 121 0.37 -14.70 17.31
C LEU A 121 1.08 -14.15 16.10
N GLU A 122 2.01 -14.92 15.52
CA GLU A 122 2.71 -14.54 14.28
C GLU A 122 1.71 -14.32 13.14
N THR A 123 0.77 -15.25 12.94
CA THR A 123 -0.24 -15.14 11.88
C THR A 123 -1.12 -13.92 12.11
N SER A 124 -1.49 -13.68 13.39
CA SER A 124 -2.32 -12.55 13.79
C SER A 124 -1.65 -11.21 13.45
N LYS A 125 -0.35 -11.09 13.76
CA LYS A 125 0.52 -9.94 13.51
C LYS A 125 0.67 -9.70 12.00
N LEU A 126 0.94 -10.76 11.21
CA LEU A 126 1.08 -10.65 9.77
C LEU A 126 -0.22 -10.15 9.12
N LYS A 127 -1.38 -10.59 9.65
CA LYS A 127 -2.67 -10.13 9.13
C LYS A 127 -2.86 -8.64 9.42
N ARG A 128 -2.37 -8.20 10.60
CA ARG A 128 -2.42 -6.81 11.05
C ARG A 128 -1.58 -5.91 10.13
N GLU A 129 -0.42 -6.40 9.64
CA GLU A 129 0.45 -5.68 8.70
C GLU A 129 -0.22 -5.50 7.33
N VAL A 130 -0.78 -6.59 6.76
CA VAL A 130 -1.44 -6.56 5.44
C VAL A 130 -2.69 -5.66 5.46
N SER A 131 -3.39 -5.57 6.63
CA SER A 131 -4.60 -4.75 6.75
C SER A 131 -4.22 -3.28 6.82
N ASP A 132 -3.14 -2.97 7.58
CA ASP A 132 -2.63 -1.61 7.75
C ASP A 132 -2.17 -1.01 6.42
N LEU A 133 -1.34 -1.76 5.65
CA LEU A 133 -0.81 -1.30 4.35
C LEU A 133 -1.90 -1.10 3.30
N ARG A 134 -2.79 -2.12 3.12
CA ARG A 134 -3.92 -2.09 2.18
C ARG A 134 -5.05 -1.22 2.74
N LEU A 143 -11.84 -0.38 -6.54
CA LEU A 143 -11.93 0.40 -7.79
C LEU A 143 -12.97 1.49 -7.74
N VAL A 144 -12.51 2.73 -7.54
CA VAL A 144 -13.35 3.91 -7.38
C VAL A 144 -13.89 4.39 -8.73
N GLY A 145 -15.16 4.80 -8.73
CA GLY A 145 -15.81 5.37 -9.89
C GLY A 145 -17.24 4.94 -10.06
N THR A 146 -18.14 5.90 -10.24
CA THR A 146 -19.56 5.67 -10.48
C THR A 146 -19.89 5.62 -11.99
N SER A 147 -18.96 6.10 -12.85
CA SER A 147 -19.16 6.10 -14.29
C SER A 147 -19.54 4.70 -14.80
N LEU A 148 -20.34 4.68 -15.88
CA LEU A 148 -20.76 3.44 -16.53
C LEU A 148 -19.51 2.67 -16.97
N ALA A 149 -18.45 3.40 -17.40
CA ALA A 149 -17.14 2.88 -17.80
C ALA A 149 -16.54 2.02 -16.69
N MET A 150 -16.49 2.55 -15.46
CA MET A 150 -16.03 1.84 -14.27
C MET A 150 -16.94 0.68 -13.90
N ASN A 151 -18.27 0.87 -14.05
CA ASN A 151 -19.25 -0.18 -13.77
C ASN A 151 -19.12 -1.33 -14.74
N GLN A 152 -18.83 -1.02 -16.02
CA GLN A 152 -18.61 -2.01 -17.08
C GLN A 152 -17.30 -2.77 -16.81
N LEU A 153 -16.25 -2.06 -16.35
CA LEU A 153 -14.96 -2.69 -16.03
C LEU A 153 -15.09 -3.65 -14.85
N ARG A 154 -15.83 -3.21 -13.79
CA ARG A 154 -16.06 -4.03 -12.62
C ARG A 154 -16.87 -5.26 -13.00
N GLN A 155 -17.88 -5.12 -13.89
CA GLN A 155 -18.63 -6.33 -14.28
C GLN A 155 -17.81 -7.22 -15.26
N THR A 156 -16.77 -6.68 -15.92
CA THR A 156 -15.88 -7.48 -16.78
C THR A 156 -14.98 -8.36 -15.90
N ILE A 157 -14.40 -7.77 -14.83
CA ILE A 157 -13.52 -8.44 -13.85
C ILE A 157 -14.26 -9.62 -13.21
N GLU A 158 -15.47 -9.35 -12.72
CA GLU A 158 -16.35 -10.30 -12.05
C GLU A 158 -16.64 -11.50 -12.96
N ARG A 159 -16.85 -11.26 -14.26
CA ARG A 159 -17.15 -12.28 -15.24
C ARG A 159 -15.96 -13.19 -15.60
N VAL A 160 -14.78 -12.61 -15.83
CA VAL A 160 -13.63 -13.38 -16.32
C VAL A 160 -12.68 -13.87 -15.23
N ALA A 161 -12.78 -13.34 -14.00
CA ALA A 161 -11.91 -13.80 -12.92
C ALA A 161 -12.14 -15.27 -12.57
N PRO A 162 -13.40 -15.81 -12.48
CA PRO A 162 -13.57 -17.24 -12.14
C PRO A 162 -13.27 -18.23 -13.26
N THR A 163 -12.93 -17.71 -14.47
CA THR A 163 -12.54 -18.55 -15.60
C THR A 163 -11.03 -18.85 -15.44
N ASN A 164 -10.49 -19.72 -16.31
CA ASN A 164 -9.09 -20.10 -16.32
C ASN A 164 -8.37 -19.49 -17.54
N SER A 165 -9.10 -18.65 -18.30
CA SER A 165 -8.65 -17.98 -19.51
C SER A 165 -7.60 -16.89 -19.27
N ARG A 166 -6.68 -16.78 -20.22
CA ARG A 166 -5.61 -15.81 -20.32
C ARG A 166 -6.26 -14.43 -20.58
N ILE A 167 -5.80 -13.38 -19.88
CA ILE A 167 -6.30 -12.02 -20.06
C ILE A 167 -5.26 -11.10 -20.72
N MET A 168 -5.72 -10.23 -21.63
CA MET A 168 -4.90 -9.17 -22.20
C MET A 168 -5.56 -7.86 -21.79
N ILE A 169 -4.87 -7.12 -20.91
CA ILE A 169 -5.33 -5.82 -20.43
C ILE A 169 -4.69 -4.70 -21.28
N THR A 170 -5.51 -3.84 -21.86
CA THR A 170 -5.06 -2.73 -22.72
C THR A 170 -5.53 -1.42 -22.11
N GLY A 171 -4.70 -0.39 -22.19
CA GLY A 171 -5.04 0.91 -21.65
C GLY A 171 -3.82 1.77 -21.45
N PRO A 172 -4.00 3.10 -21.35
CA PRO A 172 -2.83 3.96 -21.17
C PRO A 172 -2.16 3.83 -19.80
N SER A 173 -0.89 4.28 -19.71
CA SER A 173 -0.08 4.28 -18.49
C SER A 173 -0.78 5.01 -17.31
N GLY A 174 -0.83 4.32 -16.16
CA GLY A 174 -1.44 4.86 -14.95
C GLY A 174 -2.95 4.77 -14.89
N ALA A 175 -3.59 4.15 -15.89
CA ALA A 175 -5.05 3.99 -15.94
C ALA A 175 -5.62 2.94 -14.94
N GLY A 176 -4.80 1.99 -14.50
CA GLY A 176 -5.19 0.98 -13.52
C GLY A 176 -5.12 -0.46 -13.97
N LYS A 177 -4.29 -0.77 -14.99
CA LYS A 177 -4.11 -2.10 -15.56
C LYS A 177 -3.64 -3.11 -14.55
N GLU A 178 -2.59 -2.77 -13.77
CA GLU A 178 -2.06 -3.66 -12.73
C GLU A 178 -3.11 -3.87 -11.63
N LEU A 179 -3.83 -2.79 -11.25
CA LEU A 179 -4.89 -2.87 -10.25
C LEU A 179 -6.04 -3.79 -10.72
N VAL A 180 -6.38 -3.74 -12.02
CA VAL A 180 -7.38 -4.62 -12.66
C VAL A 180 -6.90 -6.10 -12.58
N ALA A 181 -5.58 -6.32 -12.83
CA ALA A 181 -4.95 -7.65 -12.78
C ALA A 181 -4.98 -8.23 -11.38
N ARG A 182 -4.76 -7.38 -10.35
CA ARG A 182 -4.82 -7.80 -8.94
C ARG A 182 -6.25 -8.10 -8.55
N ALA A 183 -7.22 -7.32 -9.09
CA ALA A 183 -8.65 -7.51 -8.84
C ALA A 183 -9.12 -8.85 -9.46
N ILE A 184 -8.58 -9.23 -10.63
CA ILE A 184 -8.90 -10.48 -11.30
C ILE A 184 -8.32 -11.62 -10.43
N HIS A 185 -7.07 -11.46 -9.97
CA HIS A 185 -6.40 -12.41 -9.10
C HIS A 185 -7.19 -12.66 -7.82
N ALA A 186 -7.60 -11.58 -7.13
CA ALA A 186 -8.36 -11.64 -5.88
C ALA A 186 -9.72 -12.35 -6.00
N GLN A 187 -10.35 -12.34 -7.20
CA GLN A 187 -11.65 -12.95 -7.48
C GLN A 187 -11.54 -14.29 -8.22
N SER A 188 -10.31 -14.76 -8.49
CA SER A 188 -10.05 -16.01 -9.21
C SER A 188 -9.89 -17.20 -8.24
N SER A 189 -9.87 -18.43 -8.79
CA SER A 189 -9.60 -19.65 -8.04
C SER A 189 -8.10 -19.74 -7.62
N ARG A 190 -7.26 -18.77 -8.04
CA ARG A 190 -5.83 -18.72 -7.69
C ARG A 190 -5.55 -17.55 -6.72
N ALA A 191 -6.61 -17.01 -6.07
CA ALA A 191 -6.54 -15.87 -5.12
C ALA A 191 -5.57 -16.11 -3.98
N ASN A 192 -5.41 -17.39 -3.55
CA ASN A 192 -4.47 -17.79 -2.49
C ASN A 192 -3.10 -18.13 -3.06
N GLY A 193 -3.02 -18.22 -4.38
CA GLY A 193 -1.77 -18.50 -5.08
C GLY A 193 -0.97 -17.23 -5.28
N PRO A 194 0.29 -17.34 -5.73
CA PRO A 194 1.08 -16.12 -5.92
C PRO A 194 0.62 -15.20 -7.08
N PHE A 195 0.96 -13.91 -6.94
CA PHE A 195 0.73 -12.88 -7.95
C PHE A 195 2.09 -12.29 -8.21
N VAL A 196 2.71 -12.71 -9.32
CA VAL A 196 4.07 -12.30 -9.67
C VAL A 196 4.04 -11.36 -10.86
N THR A 197 4.70 -10.22 -10.76
CA THR A 197 4.78 -9.21 -11.82
C THR A 197 6.15 -9.22 -12.46
N VAL A 198 6.20 -8.88 -13.74
CA VAL A 198 7.42 -8.72 -14.51
C VAL A 198 7.27 -7.37 -15.18
N ASN A 199 8.13 -6.41 -14.80
CA ASN A 199 8.15 -5.05 -15.34
C ASN A 199 9.07 -5.05 -16.56
N ALA A 200 8.50 -5.33 -17.74
CA ALA A 200 9.27 -5.45 -18.99
C ALA A 200 9.93 -4.14 -19.46
N ALA A 201 9.30 -2.98 -19.16
CA ALA A 201 9.83 -1.65 -19.49
C ALA A 201 11.09 -1.35 -18.69
N THR A 202 11.19 -1.94 -17.49
CA THR A 202 12.28 -1.79 -16.53
C THR A 202 13.44 -2.76 -16.84
N ILE A 203 13.12 -4.00 -17.25
CA ILE A 203 14.16 -4.99 -17.53
C ILE A 203 14.80 -4.76 -18.90
N THR A 204 16.15 -4.84 -18.96
CA THR A 204 16.92 -4.69 -20.19
C THR A 204 16.65 -5.91 -21.11
N PRO A 205 16.54 -5.75 -22.45
CA PRO A 205 16.24 -6.91 -23.32
C PRO A 205 17.16 -8.12 -23.11
N GLU A 206 18.44 -7.86 -22.75
CA GLU A 206 19.50 -8.84 -22.48
C GLU A 206 19.28 -9.63 -21.18
N ARG A 207 18.50 -9.08 -20.22
CA ARG A 207 18.23 -9.75 -18.95
C ARG A 207 16.76 -10.31 -18.81
N MET A 208 15.89 -10.04 -19.80
CA MET A 208 14.48 -10.47 -19.83
C MET A 208 14.26 -11.99 -19.63
N GLU A 209 15.03 -12.81 -20.34
CA GLU A 209 14.95 -14.27 -20.27
C GLU A 209 15.34 -14.76 -18.87
N ILE A 210 16.39 -14.18 -18.29
CA ILE A 210 16.89 -14.55 -16.96
C ILE A 210 15.84 -14.24 -15.90
N GLU A 211 15.16 -13.08 -16.03
CA GLU A 211 14.12 -12.67 -15.10
C GLU A 211 12.89 -13.59 -15.16
N LEU A 212 12.51 -14.03 -16.36
CA LEU A 212 11.33 -14.86 -16.56
C LEU A 212 11.55 -16.36 -16.33
N PHE A 213 12.69 -16.88 -16.84
CA PHE A 213 12.98 -18.32 -16.88
C PHE A 213 14.12 -18.80 -15.95
N GLY A 214 14.85 -17.86 -15.35
CA GLY A 214 15.96 -18.18 -14.46
C GLY A 214 17.17 -18.77 -15.16
N THR A 215 18.15 -19.25 -14.38
CA THR A 215 19.39 -19.88 -14.86
C THR A 215 19.62 -21.25 -14.21
N GLU A 216 20.50 -22.08 -14.82
CA GLU A 216 20.93 -23.37 -14.29
C GLU A 216 21.94 -23.06 -13.18
N MET A 217 22.00 -23.88 -12.11
CA MET A 217 22.91 -23.64 -10.99
C MET A 217 24.39 -23.87 -11.37
N ASP A 218 25.27 -22.93 -10.93
CA ASP A 218 26.71 -22.96 -11.17
C ASP A 218 27.49 -22.49 -9.95
N LYS A 223 18.36 -16.52 -10.47
CA LYS A 223 18.41 -17.98 -10.69
C LYS A 223 17.02 -18.61 -10.78
N VAL A 224 16.06 -18.17 -9.92
CA VAL A 224 14.66 -18.65 -9.98
C VAL A 224 13.89 -17.56 -10.72
N GLY A 225 13.38 -17.92 -11.88
CA GLY A 225 12.63 -17.01 -12.73
C GLY A 225 11.24 -16.75 -12.20
N ALA A 226 10.61 -15.66 -12.67
CA ALA A 226 9.26 -15.24 -12.27
C ALA A 226 8.18 -16.31 -12.53
N LEU A 227 8.32 -17.07 -13.64
CA LEU A 227 7.42 -18.16 -14.03
C LEU A 227 7.45 -19.31 -13.03
N GLU A 228 8.64 -19.60 -12.51
CA GLU A 228 8.81 -20.62 -11.47
C GLU A 228 8.16 -20.13 -10.16
N GLU A 229 8.33 -18.81 -9.82
CA GLU A 229 7.72 -18.19 -8.65
C GLU A 229 6.20 -18.14 -8.75
N ALA A 230 5.66 -18.01 -9.98
CA ALA A 230 4.23 -17.89 -10.25
C ALA A 230 3.48 -19.22 -10.34
N HIS A 231 4.20 -20.36 -10.27
CA HIS A 231 3.60 -21.72 -10.30
C HIS A 231 2.48 -21.82 -9.25
N GLY A 232 1.28 -22.20 -9.70
CA GLY A 232 0.09 -22.28 -8.86
C GLY A 232 -0.74 -21.02 -8.86
N GLY A 233 -0.17 -19.92 -9.35
CA GLY A 233 -0.85 -18.62 -9.36
C GLY A 233 -0.91 -17.92 -10.71
N ILE A 234 -0.75 -16.59 -10.65
CA ILE A 234 -0.82 -15.70 -11.81
C ILE A 234 0.49 -14.99 -12.08
N LEU A 235 0.94 -15.01 -13.35
CA LEU A 235 2.08 -14.23 -13.81
C LEU A 235 1.52 -13.01 -14.57
N TYR A 236 1.87 -11.81 -14.10
CA TYR A 236 1.46 -10.53 -14.67
C TYR A 236 2.62 -9.96 -15.48
N LEU A 237 2.45 -9.96 -16.80
CA LEU A 237 3.43 -9.46 -17.74
C LEU A 237 3.08 -8.03 -18.05
N ASP A 238 3.70 -7.13 -17.28
CA ASP A 238 3.49 -5.69 -17.40
C ASP A 238 4.32 -5.21 -18.59
N GLU A 239 3.62 -4.80 -19.66
CA GLU A 239 4.17 -4.34 -20.93
C GLU A 239 4.81 -5.47 -21.76
N VAL A 240 3.97 -6.33 -22.37
CA VAL A 240 4.44 -7.42 -23.25
C VAL A 240 5.22 -6.94 -24.48
N ALA A 241 4.99 -5.68 -24.90
CA ALA A 241 5.64 -5.07 -26.07
C ALA A 241 7.16 -4.97 -25.90
N ASP A 242 7.63 -4.96 -24.64
CA ASP A 242 9.05 -4.85 -24.39
C ASP A 242 9.73 -6.22 -24.36
N MET A 243 9.01 -7.28 -24.74
CA MET A 243 9.65 -8.57 -24.74
C MET A 243 10.36 -8.87 -26.05
N PRO A 244 11.64 -9.27 -25.97
CA PRO A 244 12.39 -9.61 -27.19
C PRO A 244 11.82 -10.86 -27.87
N ARG A 245 12.15 -11.06 -29.16
CA ARG A 245 11.68 -12.18 -29.99
C ARG A 245 11.96 -13.57 -29.42
N GLU A 246 13.16 -13.77 -28.87
CA GLU A 246 13.51 -15.05 -28.26
C GLU A 246 12.62 -15.32 -27.04
N THR A 247 12.39 -14.27 -26.20
CA THR A 247 11.49 -14.35 -25.04
C THR A 247 10.05 -14.69 -25.51
N GLN A 248 9.63 -14.08 -26.63
CA GLN A 248 8.33 -14.30 -27.25
C GLN A 248 8.10 -15.78 -27.59
N ASN A 249 9.11 -16.43 -28.21
CA ASN A 249 9.03 -17.85 -28.56
C ASN A 249 8.94 -18.71 -27.30
N LYS A 250 9.65 -18.33 -26.23
CA LYS A 250 9.65 -19.07 -24.98
C LYS A 250 8.32 -18.96 -24.23
N ILE A 251 7.66 -17.80 -24.29
CA ILE A 251 6.36 -17.60 -23.67
C ILE A 251 5.32 -18.46 -24.37
N LEU A 252 5.43 -18.57 -25.70
CA LEU A 252 4.58 -19.39 -26.55
C LEU A 252 4.62 -20.87 -26.12
N ARG A 253 5.79 -21.36 -25.69
CA ARG A 253 5.98 -22.73 -25.19
C ARG A 253 5.35 -22.89 -23.81
N VAL A 254 5.34 -21.81 -23.00
CA VAL A 254 4.67 -21.82 -21.70
C VAL A 254 3.16 -21.99 -21.97
N LEU A 255 2.60 -21.18 -22.88
CA LEU A 255 1.16 -21.19 -23.22
C LEU A 255 0.67 -22.51 -23.79
N VAL A 256 1.47 -23.17 -24.64
CA VAL A 256 1.10 -24.40 -25.35
C VAL A 256 1.59 -25.68 -24.64
N ASP A 257 2.83 -25.72 -24.19
CA ASP A 257 3.39 -26.92 -23.57
C ASP A 257 3.38 -26.95 -22.04
N GLN A 258 3.04 -25.82 -21.36
CA GLN A 258 3.01 -25.68 -19.88
C GLN A 258 4.40 -26.01 -19.30
N GLN A 259 5.44 -25.66 -20.05
CA GLN A 259 6.84 -25.91 -19.69
C GLN A 259 7.77 -24.96 -20.43
N PHE A 260 9.04 -24.91 -19.99
CA PHE A 260 10.11 -24.08 -20.53
C PHE A 260 11.43 -24.65 -20.02
N GLU A 261 12.53 -24.08 -20.51
CA GLU A 261 13.90 -24.40 -20.16
C GLU A 261 14.56 -23.13 -19.59
N ARG A 262 15.41 -23.30 -18.58
CA ARG A 262 16.11 -22.17 -17.95
C ARG A 262 17.17 -21.64 -18.92
N VAL A 263 17.67 -20.41 -18.65
CA VAL A 263 18.70 -19.76 -19.48
C VAL A 263 19.99 -20.58 -19.45
N GLY A 264 20.40 -21.00 -20.64
CA GLY A 264 21.60 -21.81 -20.86
C GLY A 264 21.44 -23.21 -20.35
N GLY A 265 20.33 -23.84 -20.72
CA GLY A 265 20.00 -25.21 -20.32
C GLY A 265 19.04 -25.91 -21.25
N THR A 266 18.94 -27.23 -21.07
CA THR A 266 18.03 -28.11 -21.79
C THR A 266 17.01 -28.69 -20.81
N LYS A 267 17.20 -28.39 -19.51
CA LYS A 267 16.37 -28.90 -18.43
C LYS A 267 14.98 -28.32 -18.41
N ARG A 268 14.00 -29.21 -18.56
CA ARG A 268 12.58 -28.89 -18.56
C ARG A 268 12.13 -28.47 -17.16
N VAL A 269 11.28 -27.44 -17.12
CA VAL A 269 10.66 -26.89 -15.91
C VAL A 269 9.19 -26.80 -16.26
N LYS A 270 8.37 -27.62 -15.60
CA LYS A 270 6.92 -27.68 -15.79
C LYS A 270 6.26 -26.61 -14.91
N VAL A 271 5.30 -25.85 -15.45
CA VAL A 271 4.62 -24.80 -14.68
C VAL A 271 3.13 -24.79 -14.94
N ASP A 272 2.38 -24.46 -13.88
CA ASP A 272 0.94 -24.30 -13.95
C ASP A 272 0.66 -22.82 -13.59
N VAL A 273 0.61 -21.96 -14.62
CA VAL A 273 0.38 -20.53 -14.44
C VAL A 273 -0.78 -20.01 -15.32
N ARG A 274 -1.45 -18.98 -14.83
CA ARG A 274 -2.47 -18.28 -15.59
C ARG A 274 -1.82 -16.91 -15.86
N ILE A 275 -1.60 -16.60 -17.13
CA ILE A 275 -0.95 -15.37 -17.52
C ILE A 275 -1.93 -14.23 -17.72
N ILE A 276 -1.58 -13.06 -17.19
CA ILE A 276 -2.29 -11.80 -17.42
C ILE A 276 -1.23 -10.90 -18.06
N SER A 277 -1.55 -10.36 -19.22
CA SER A 277 -0.66 -9.53 -19.99
C SER A 277 -1.22 -8.13 -20.02
N SER A 278 -0.35 -7.15 -20.14
CA SER A 278 -0.82 -5.78 -20.32
C SER A 278 0.05 -5.03 -21.30
N THR A 279 -0.50 -3.98 -21.88
CA THR A 279 0.20 -3.11 -22.81
C THR A 279 -0.47 -1.75 -22.88
N ALA A 280 0.35 -0.70 -22.93
CA ALA A 280 -0.08 0.69 -23.17
C ALA A 280 0.33 1.04 -24.64
N GLN A 281 0.90 0.07 -25.38
CA GLN A 281 1.39 0.17 -26.74
C GLN A 281 0.41 -0.41 -27.75
N ASN A 282 0.71 -0.20 -29.02
CA ASN A 282 -0.04 -0.69 -30.17
C ASN A 282 0.65 -1.96 -30.69
N LEU A 283 0.28 -3.11 -30.08
CA LEU A 283 0.84 -4.42 -30.45
C LEU A 283 0.55 -4.82 -31.88
N GLU A 284 -0.63 -4.45 -32.38
CA GLU A 284 -1.11 -4.70 -33.74
C GLU A 284 -0.16 -4.03 -34.74
N GLY A 285 0.23 -2.79 -34.42
CA GLY A 285 1.22 -2.02 -35.16
C GLY A 285 2.58 -2.69 -35.16
N MET A 286 2.93 -3.39 -34.06
CA MET A 286 4.18 -4.14 -33.92
C MET A 286 4.21 -5.41 -34.75
N ILE A 287 3.04 -6.12 -34.86
CA ILE A 287 2.92 -7.32 -35.69
C ILE A 287 3.05 -6.89 -37.16
N ALA A 288 2.44 -5.76 -37.52
CA ALA A 288 2.47 -5.21 -38.87
C ALA A 288 3.94 -4.90 -39.30
N GLU A 289 4.77 -4.46 -38.34
CA GLU A 289 6.18 -4.11 -38.50
C GLU A 289 7.15 -5.29 -38.32
N GLY A 290 6.65 -6.40 -37.78
CA GLY A 290 7.44 -7.62 -37.59
C GLY A 290 8.26 -7.72 -36.32
N THR A 291 7.84 -7.02 -35.25
CA THR A 291 8.59 -7.05 -33.99
C THR A 291 7.86 -7.86 -32.90
N PHE A 292 6.60 -8.23 -33.16
CA PHE A 292 5.82 -9.05 -32.25
C PHE A 292 5.13 -10.16 -33.01
N ARG A 293 5.23 -11.39 -32.49
CA ARG A 293 4.62 -12.59 -33.06
C ARG A 293 3.11 -12.52 -33.07
N GLU A 294 2.55 -12.78 -34.23
CA GLU A 294 1.14 -12.81 -34.56
C GLU A 294 0.40 -13.84 -33.68
N ASP A 295 0.85 -15.11 -33.73
CA ASP A 295 0.25 -16.22 -32.99
C ASP A 295 0.31 -16.03 -31.49
N LEU A 296 1.42 -15.47 -30.98
CA LEU A 296 1.59 -15.16 -29.56
C LEU A 296 0.61 -14.10 -29.10
N PHE A 297 0.46 -13.01 -29.88
CA PHE A 297 -0.51 -11.96 -29.54
C PHE A 297 -1.94 -12.53 -29.39
N HIS A 298 -2.40 -13.34 -30.35
CA HIS A 298 -3.77 -13.91 -30.32
C HIS A 298 -3.96 -14.89 -29.17
N ARG A 299 -2.91 -15.65 -28.84
CA ARG A 299 -2.93 -16.55 -27.71
C ARG A 299 -2.93 -15.76 -26.41
N LEU A 300 -2.19 -14.65 -26.32
CA LEU A 300 -2.20 -13.80 -25.12
C LEU A 300 -3.52 -13.07 -24.93
N SER A 301 -4.24 -12.81 -26.02
CA SER A 301 -5.47 -12.04 -25.95
C SER A 301 -6.75 -12.88 -26.16
N VAL A 302 -6.85 -14.02 -25.44
CA VAL A 302 -8.04 -14.89 -25.41
C VAL A 302 -9.21 -14.01 -24.91
N VAL A 303 -9.01 -13.33 -23.77
CA VAL A 303 -10.02 -12.46 -23.17
C VAL A 303 -9.47 -11.02 -23.06
N PRO A 304 -9.90 -10.13 -23.97
CA PRO A 304 -9.41 -8.74 -23.90
C PRO A 304 -10.15 -7.92 -22.85
N VAL A 305 -9.41 -7.09 -22.11
CA VAL A 305 -9.98 -6.19 -21.12
C VAL A 305 -9.37 -4.80 -21.38
N GLN A 306 -10.23 -3.82 -21.72
CA GLN A 306 -9.82 -2.44 -21.97
C GLN A 306 -10.08 -1.60 -20.72
N VAL A 307 -9.04 -0.93 -20.24
CA VAL A 307 -9.13 -0.04 -19.09
C VAL A 307 -9.29 1.37 -19.71
N PRO A 308 -10.37 2.12 -19.39
CA PRO A 308 -10.53 3.44 -20.04
C PRO A 308 -9.55 4.48 -19.55
N ALA A 309 -9.09 5.38 -20.45
CA ALA A 309 -8.21 6.51 -20.09
C ALA A 309 -9.01 7.39 -19.14
N LEU A 310 -8.33 8.11 -18.23
CA LEU A 310 -8.99 8.97 -17.25
C LEU A 310 -9.79 10.08 -17.97
N ALA A 311 -9.28 10.59 -19.12
CA ALA A 311 -9.94 11.60 -19.94
C ALA A 311 -11.27 11.09 -20.54
N ALA A 312 -11.50 9.76 -20.48
CA ALA A 312 -12.72 9.11 -20.97
C ALA A 312 -13.65 8.74 -19.82
N ARG A 313 -13.34 9.18 -18.60
CA ARG A 313 -14.15 8.96 -17.40
C ARG A 313 -13.96 10.11 -16.40
N ARG A 314 -13.98 11.35 -16.94
CA ARG A 314 -13.84 12.62 -16.21
C ARG A 314 -14.87 12.80 -15.11
N GLU A 315 -16.01 12.11 -15.23
CA GLU A 315 -17.09 12.06 -14.23
C GLU A 315 -16.54 11.61 -12.84
N ASP A 316 -15.58 10.65 -12.83
CA ASP A 316 -14.96 10.07 -11.64
C ASP A 316 -13.85 10.90 -11.00
N ILE A 317 -13.35 11.96 -11.67
CA ILE A 317 -12.26 12.79 -11.14
C ILE A 317 -12.61 13.32 -9.73
N PRO A 318 -13.77 13.98 -9.47
CA PRO A 318 -14.04 14.44 -8.09
C PRO A 318 -13.95 13.35 -7.02
N SER A 319 -14.52 12.15 -7.31
CA SER A 319 -14.50 10.95 -6.45
C SER A 319 -13.10 10.41 -6.23
N LEU A 320 -12.25 10.48 -7.28
CA LEU A 320 -10.89 10.00 -7.24
C LEU A 320 -10.06 10.96 -6.43
N VAL A 321 -10.32 12.28 -6.57
CA VAL A 321 -9.65 13.34 -5.81
C VAL A 321 -9.90 13.13 -4.29
N GLU A 322 -11.15 12.83 -3.90
CA GLU A 322 -11.56 12.56 -2.52
C GLU A 322 -10.95 11.26 -1.98
N PHE A 323 -10.91 10.22 -2.84
CA PHE A 323 -10.33 8.93 -2.47
C PHE A 323 -8.81 9.06 -2.23
N PHE A 324 -8.11 9.79 -3.12
CA PHE A 324 -6.67 9.99 -3.02
C PHE A 324 -6.31 10.86 -1.83
N MET A 325 -7.13 11.88 -1.51
CA MET A 325 -6.94 12.73 -0.34
C MET A 325 -7.00 11.90 0.96
N LYS A 326 -8.00 11.01 1.08
CA LYS A 326 -8.17 10.12 2.23
C LYS A 326 -7.00 9.16 2.37
N GLN A 327 -6.44 8.73 1.24
CA GLN A 327 -5.33 7.78 1.20
C GLN A 327 -4.02 8.45 1.66
N ILE A 328 -3.78 9.69 1.22
CA ILE A 328 -2.61 10.48 1.58
C ILE A 328 -2.73 10.93 3.05
N ALA A 329 -3.97 11.18 3.50
CA ALA A 329 -4.26 11.54 4.89
C ALA A 329 -3.80 10.40 5.80
N GLU A 330 -4.19 9.17 5.46
CA GLU A 330 -3.83 7.94 6.16
C GLU A 330 -2.29 7.71 6.16
N GLN A 331 -1.62 7.98 5.04
CA GLN A 331 -0.18 7.80 4.88
C GLN A 331 0.66 8.85 5.60
N ALA A 332 0.44 10.14 5.25
CA ALA A 332 1.20 11.30 5.71
C ALA A 332 0.73 11.95 6.99
N GLY A 333 -0.53 11.76 7.35
CA GLY A 333 -1.11 12.44 8.49
C GLY A 333 -1.48 13.89 8.18
N ILE A 334 -1.81 14.18 6.91
CA ILE A 334 -2.22 15.53 6.51
C ILE A 334 -3.77 15.54 6.50
N LYS A 335 -4.39 16.48 7.20
CA LYS A 335 -5.85 16.58 7.24
C LYS A 335 -6.35 16.85 5.79
N PRO A 336 -7.36 16.09 5.30
CA PRO A 336 -7.85 16.35 3.93
C PRO A 336 -8.48 17.73 3.86
N ARG A 337 -8.27 18.44 2.75
CA ARG A 337 -8.76 19.81 2.63
C ARG A 337 -9.82 20.00 1.58
N LYS A 338 -10.40 21.19 1.54
CA LYS A 338 -11.41 21.54 0.56
C LYS A 338 -10.68 22.04 -0.67
N ILE A 339 -10.91 21.36 -1.79
CA ILE A 339 -10.34 21.73 -3.07
C ILE A 339 -11.25 22.83 -3.63
N GLY A 340 -10.65 23.96 -3.99
CA GLY A 340 -11.34 25.09 -4.59
C GLY A 340 -12.01 24.75 -5.91
N PRO A 341 -13.18 25.41 -6.19
CA PRO A 341 -13.90 25.13 -7.47
C PRO A 341 -13.04 25.32 -8.72
N ASP A 342 -12.05 26.21 -8.63
CA ASP A 342 -11.08 26.53 -9.67
C ASP A 342 -10.14 25.34 -9.91
N ALA A 343 -9.55 24.78 -8.83
CA ALA A 343 -8.64 23.64 -8.91
C ALA A 343 -9.37 22.39 -9.42
N MET A 344 -10.63 22.17 -8.98
CA MET A 344 -11.46 21.05 -9.40
C MET A 344 -11.86 21.14 -10.86
N ALA A 345 -12.24 22.35 -11.33
CA ALA A 345 -12.61 22.60 -12.72
C ALA A 345 -11.41 22.28 -13.62
N VAL A 346 -10.21 22.72 -13.21
CA VAL A 346 -8.94 22.49 -13.92
C VAL A 346 -8.58 20.98 -13.96
N LEU A 347 -8.66 20.27 -12.78
CA LEU A 347 -8.35 18.85 -12.65
C LEU A 347 -9.29 18.01 -13.51
N GLN A 348 -10.57 18.39 -13.55
CA GLN A 348 -11.58 17.66 -14.29
C GLN A 348 -11.46 17.81 -15.78
N ALA A 349 -11.00 19.00 -16.24
CA ALA A 349 -10.87 19.32 -17.67
C ALA A 349 -9.61 18.74 -18.31
N HIS A 350 -8.59 18.42 -17.50
CA HIS A 350 -7.31 17.93 -18.00
C HIS A 350 -7.41 16.57 -18.72
N SER A 351 -6.47 16.35 -19.64
CA SER A 351 -6.34 15.17 -20.50
C SER A 351 -5.77 13.97 -19.75
N TRP A 352 -4.86 14.21 -18.78
CA TRP A 352 -4.17 13.23 -17.94
C TRP A 352 -3.40 12.15 -18.74
N PRO A 353 -2.24 12.47 -19.37
CA PRO A 353 -1.48 11.43 -20.09
C PRO A 353 -0.89 10.34 -19.17
N GLY A 354 -0.67 10.68 -17.88
CA GLY A 354 -0.19 9.77 -16.84
C GLY A 354 -1.35 9.21 -16.02
N ASN A 355 -2.58 9.60 -16.42
CA ASN A 355 -3.89 9.16 -15.90
C ASN A 355 -4.06 9.20 -14.37
N LEU A 356 -4.47 8.07 -13.75
CA LEU A 356 -4.73 8.01 -12.29
C LEU A 356 -3.45 8.16 -11.47
N ARG A 357 -2.31 7.65 -11.96
CA ARG A 357 -1.04 7.87 -11.24
C ARG A 357 -0.74 9.39 -11.20
N GLN A 358 -0.83 10.06 -12.37
CA GLN A 358 -0.61 11.48 -12.47
C GLN A 358 -1.60 12.27 -11.59
N LEU A 359 -2.91 11.91 -11.62
CA LEU A 359 -3.89 12.57 -10.75
C LEU A 359 -3.51 12.44 -9.26
N ARG A 360 -3.16 11.21 -8.82
CA ARG A 360 -2.79 10.92 -7.42
C ARG A 360 -1.57 11.73 -6.99
N ASN A 361 -0.53 11.75 -7.84
CA ASN A 361 0.70 12.50 -7.61
C ASN A 361 0.43 14.03 -7.50
N ASN A 362 -0.59 14.54 -8.22
CA ASN A 362 -0.94 15.95 -8.15
C ASN A 362 -1.74 16.28 -6.90
N VAL A 363 -2.58 15.34 -6.44
CA VAL A 363 -3.36 15.50 -5.19
C VAL A 363 -2.40 15.51 -4.00
N GLU A 364 -1.41 14.58 -3.99
CA GLU A 364 -0.37 14.52 -2.96
C GLU A 364 0.40 15.85 -2.93
N ARG A 365 0.81 16.34 -4.11
CA ARG A 365 1.50 17.63 -4.28
C ARG A 365 0.73 18.77 -3.59
N LEU A 366 -0.60 18.83 -3.81
CA LEU A 366 -1.51 19.83 -3.24
C LEU A 366 -1.61 19.73 -1.72
N MET A 367 -1.59 18.50 -1.19
CA MET A 367 -1.66 18.26 0.24
C MET A 367 -0.36 18.56 0.93
N ILE A 368 0.78 18.29 0.25
CA ILE A 368 2.11 18.59 0.77
C ILE A 368 2.25 20.11 0.89
N LEU A 369 1.99 20.84 -0.21
CA LEU A 369 2.11 22.30 -0.28
C LEU A 369 1.14 23.07 0.60
N THR A 370 -0.01 22.51 0.99
CA THR A 370 -0.95 23.23 1.84
C THR A 370 -0.91 22.74 3.30
N ARG A 371 0.07 21.88 3.65
CA ARG A 371 0.23 21.38 5.01
C ARG A 371 0.62 22.55 5.91
N GLY A 372 -0.12 22.72 7.00
CA GLY A 372 0.10 23.81 7.95
C GLY A 372 -0.67 25.09 7.68
N ASP A 373 -1.45 25.15 6.57
CA ASP A 373 -2.26 26.33 6.23
C ASP A 373 -3.62 26.25 6.93
N ASP A 374 -4.39 27.38 6.99
CA ASP A 374 -5.73 27.45 7.60
C ASP A 374 -6.66 26.35 7.03
N PRO A 375 -7.27 25.49 7.89
CA PRO A 375 -8.10 24.38 7.38
C PRO A 375 -9.32 24.77 6.54
N ASP A 376 -9.81 26.01 6.71
CA ASP A 376 -10.95 26.57 6.00
C ASP A 376 -10.54 26.96 4.57
N GLU A 377 -9.32 27.51 4.41
CA GLU A 377 -8.71 27.96 3.16
C GLU A 377 -8.71 26.87 2.07
N LEU A 378 -9.39 27.17 0.95
CA LEU A 378 -9.54 26.29 -0.22
C LEU A 378 -8.20 26.11 -0.90
N VAL A 379 -7.98 24.93 -1.48
CA VAL A 379 -6.77 24.64 -2.25
C VAL A 379 -7.08 25.22 -3.63
N THR A 380 -6.26 26.17 -4.07
CA THR A 380 -6.46 26.87 -5.34
C THR A 380 -5.65 26.26 -6.50
N ALA A 381 -6.09 26.56 -7.74
CA ALA A 381 -5.53 26.08 -9.01
C ALA A 381 -4.11 26.53 -9.27
N ASP A 382 -3.68 27.67 -8.67
CA ASP A 382 -2.34 28.23 -8.89
C ASP A 382 -1.23 27.35 -8.34
N LEU A 383 -1.59 26.43 -7.43
CA LEU A 383 -0.66 25.49 -6.83
C LEU A 383 -0.31 24.33 -7.76
N LEU A 384 -1.15 24.06 -8.78
CA LEU A 384 -0.94 22.99 -9.75
C LEU A 384 0.23 23.31 -10.68
N PRO A 385 1.01 22.31 -11.15
CA PRO A 385 2.15 22.62 -12.03
C PRO A 385 1.75 22.98 -13.46
N ALA A 386 2.72 23.54 -14.19
CA ALA A 386 2.64 24.03 -15.56
C ALA A 386 1.98 23.07 -16.56
N GLU A 387 2.28 21.76 -16.50
CA GLU A 387 1.70 20.77 -17.42
C GLU A 387 0.17 20.64 -17.25
N ILE A 388 -0.36 21.10 -16.11
CA ILE A 388 -1.79 21.13 -15.86
C ILE A 388 -2.39 22.48 -16.32
N GLY A 389 -1.91 23.57 -15.71
CA GLY A 389 -2.36 24.95 -15.97
C GLY A 389 -2.12 25.52 -17.36
N ASP A 390 -0.92 25.27 -17.93
CA ASP A 390 -0.52 25.76 -19.27
C ASP A 390 -1.25 25.08 -20.44
N THR A 391 -1.94 23.96 -20.20
CA THR A 391 -2.71 23.26 -21.24
C THR A 391 -4.16 23.72 -21.22
N LEU A 392 -4.54 24.52 -20.22
CA LEU A 392 -5.92 24.95 -20.06
C LEU A 392 -6.09 26.46 -20.07
N PRO A 393 -7.33 26.98 -20.33
CA PRO A 393 -7.54 28.43 -20.36
C PRO A 393 -7.24 29.10 -19.03
N ARG A 394 -6.51 30.19 -19.12
CA ARG A 394 -6.09 31.01 -17.98
C ARG A 394 -5.75 32.41 -18.48
N ALA A 395 -5.53 33.34 -17.52
CA ALA A 395 -5.19 34.72 -17.80
C ALA A 395 -3.84 34.76 -18.55
N PRO A 396 -3.76 35.48 -19.69
CA PRO A 396 -2.47 35.54 -20.39
C PRO A 396 -1.51 36.51 -19.69
N THR A 397 -0.22 36.40 -20.01
CA THR A 397 0.85 37.26 -19.48
C THR A 397 1.71 37.74 -20.67
N GLU A 398 2.69 38.63 -20.41
CA GLU A 398 3.62 39.15 -21.41
C GLU A 398 4.49 38.06 -22.02
N SER A 399 4.60 36.90 -21.32
CA SER A 399 5.39 35.74 -21.73
C SER A 399 4.65 34.78 -22.67
N ASP A 400 3.30 34.90 -22.77
CA ASP A 400 2.49 34.03 -23.65
C ASP A 400 2.54 34.52 -25.11
N GLN A 401 3.61 34.08 -25.83
CA GLN A 401 3.97 34.42 -27.21
C GLN A 401 2.84 34.37 -28.24
N HIS A 402 1.99 33.33 -28.21
CA HIS A 402 0.89 33.16 -29.16
C HIS A 402 -0.25 34.18 -28.97
N ILE A 403 -0.68 34.41 -27.71
CA ILE A 403 -1.74 35.36 -27.36
C ILE A 403 -1.28 36.79 -27.65
N MET A 404 -0.04 37.11 -27.26
CA MET A 404 0.57 38.42 -27.42
C MET A 404 0.75 38.84 -28.85
N ALA A 405 1.01 37.88 -29.76
CA ALA A 405 1.17 38.11 -31.19
C ALA A 405 -0.18 38.47 -31.87
N LEU A 406 -1.31 38.14 -31.20
CA LEU A 406 -2.66 38.36 -31.71
C LEU A 406 -3.31 39.67 -31.22
N PRO A 407 -4.10 40.38 -32.08
CA PRO A 407 -4.83 41.57 -31.60
C PRO A 407 -6.03 41.16 -30.70
N LEU A 408 -6.74 42.12 -30.10
CA LEU A 408 -7.84 41.86 -29.16
C LEU A 408 -8.93 40.90 -29.66
N ARG A 409 -9.61 41.18 -30.81
CA ARG A 409 -10.70 40.32 -31.30
C ARG A 409 -10.25 38.88 -31.57
N GLU A 410 -9.08 38.70 -32.21
CA GLU A 410 -8.52 37.39 -32.53
C GLU A 410 -8.17 36.65 -31.26
N ALA A 411 -7.59 37.35 -30.26
CA ALA A 411 -7.19 36.77 -28.98
C ALA A 411 -8.39 36.35 -28.16
N ARG A 412 -9.47 37.17 -28.15
CA ARG A 412 -10.75 36.91 -27.46
C ARG A 412 -11.50 35.72 -28.13
N GLU A 413 -11.46 35.63 -29.47
CA GLU A 413 -12.08 34.51 -30.19
C GLU A 413 -11.36 33.18 -29.89
N ARG A 414 -10.01 33.20 -29.88
CA ARG A 414 -9.18 32.05 -29.55
C ARG A 414 -9.47 31.61 -28.11
N PHE A 415 -9.60 32.59 -27.17
CA PHE A 415 -9.92 32.27 -25.78
C PHE A 415 -11.30 31.62 -25.72
N GLU A 416 -12.31 32.20 -26.41
CA GLU A 416 -13.67 31.66 -26.41
C GLU A 416 -13.66 30.18 -26.76
N LYS A 417 -12.96 29.82 -27.86
CA LYS A 417 -12.80 28.47 -28.41
C LYS A 417 -12.14 27.51 -27.40
N GLU A 418 -11.05 27.96 -26.76
CA GLU A 418 -10.28 27.21 -25.78
C GLU A 418 -11.07 27.01 -24.49
N TYR A 419 -11.75 28.08 -24.02
CA TYR A 419 -12.58 28.02 -22.83
C TYR A 419 -13.76 27.04 -23.00
N LEU A 420 -14.51 27.15 -24.10
CA LEU A 420 -15.66 26.31 -24.35
C LEU A 420 -15.29 24.81 -24.48
N ILE A 421 -14.20 24.50 -25.21
CA ILE A 421 -13.68 23.14 -25.36
C ILE A 421 -13.28 22.55 -24.01
N ALA A 422 -12.57 23.35 -23.19
CA ALA A 422 -12.14 22.96 -21.85
C ALA A 422 -13.32 22.68 -20.95
N GLN A 423 -14.37 23.52 -21.01
CA GLN A 423 -15.58 23.32 -20.23
C GLN A 423 -16.32 22.07 -20.68
N ILE A 424 -16.35 21.83 -22.02
CA ILE A 424 -16.97 20.63 -22.62
C ILE A 424 -16.30 19.38 -22.06
N ASN A 425 -14.96 19.35 -22.08
CA ASN A 425 -14.16 18.25 -21.54
C ASN A 425 -14.53 17.97 -20.10
N ARG A 426 -14.52 19.03 -19.29
CA ARG A 426 -14.85 19.00 -17.87
C ARG A 426 -16.18 18.29 -17.65
N PHE A 427 -17.19 18.59 -18.51
CA PHE A 427 -18.53 17.99 -18.39
C PHE A 427 -18.74 16.74 -19.28
N GLY A 428 -17.64 16.10 -19.69
CA GLY A 428 -17.64 14.88 -20.49
C GLY A 428 -18.39 14.93 -21.81
N GLY A 429 -18.43 16.11 -22.43
CA GLY A 429 -19.14 16.27 -23.69
C GLY A 429 -20.63 16.50 -23.50
N ASN A 430 -21.13 16.58 -22.25
CA ASN A 430 -22.55 16.84 -21.98
C ASN A 430 -22.80 18.35 -22.18
N ILE A 431 -23.34 18.73 -23.35
CA ILE A 431 -23.57 20.11 -23.80
C ILE A 431 -24.60 20.82 -22.92
N SER A 432 -25.63 20.10 -22.45
CA SER A 432 -26.65 20.65 -21.57
C SER A 432 -26.03 21.09 -20.22
N ARG A 433 -25.12 20.27 -19.63
CA ARG A 433 -24.40 20.59 -18.39
C ARG A 433 -23.43 21.75 -18.61
N THR A 434 -22.68 21.72 -19.74
CA THR A 434 -21.74 22.77 -20.14
C THR A 434 -22.46 24.12 -20.29
N ALA A 435 -23.58 24.12 -21.02
CA ALA A 435 -24.42 25.31 -21.24
C ALA A 435 -24.86 25.92 -19.89
N GLU A 436 -25.34 25.10 -18.95
CA GLU A 436 -25.76 25.49 -17.60
C GLU A 436 -24.64 26.24 -16.85
N PHE A 437 -23.41 25.69 -16.86
CA PHE A 437 -22.27 26.29 -16.20
C PHE A 437 -21.77 27.60 -16.85
N VAL A 438 -21.57 27.60 -18.20
CA VAL A 438 -21.04 28.74 -18.95
C VAL A 438 -22.04 29.89 -19.05
N GLY A 439 -23.30 29.63 -18.68
CA GLY A 439 -24.37 30.61 -18.66
C GLY A 439 -25.20 30.70 -19.92
N MET A 440 -25.30 29.59 -20.64
CA MET A 440 -26.08 29.53 -21.86
C MET A 440 -27.21 28.52 -21.77
N GLU A 441 -28.18 28.66 -22.68
CA GLU A 441 -29.25 27.72 -22.92
C GLU A 441 -28.56 26.72 -23.89
N ARG A 442 -28.93 25.42 -23.88
CA ARG A 442 -28.24 24.42 -24.68
C ARG A 442 -28.27 24.59 -26.21
N SER A 443 -29.37 25.07 -26.80
CA SER A 443 -29.42 25.21 -28.26
C SER A 443 -28.52 26.37 -28.75
N ALA A 444 -28.43 27.42 -27.92
CA ALA A 444 -27.57 28.60 -28.06
C ALA A 444 -26.09 28.15 -28.02
N LEU A 445 -25.72 27.25 -27.08
CA LEU A 445 -24.34 26.73 -27.02
C LEU A 445 -24.01 25.94 -28.28
N HIS A 446 -24.95 25.09 -28.76
CA HIS A 446 -24.77 24.31 -29.98
C HIS A 446 -24.52 25.18 -31.18
N ARG A 447 -25.38 26.22 -31.37
CA ARG A 447 -25.25 27.21 -32.44
C ARG A 447 -23.93 27.99 -32.32
N LYS A 448 -23.48 28.27 -31.08
CA LYS A 448 -22.21 28.97 -30.84
C LYS A 448 -21.01 28.09 -31.22
N LEU A 449 -21.06 26.80 -30.88
CA LEU A 449 -20.00 25.83 -31.20
C LEU A 449 -19.85 25.65 -32.71
N LYS A 450 -21.00 25.50 -33.41
CA LYS A 450 -21.07 25.33 -34.87
C LYS A 450 -20.52 26.56 -35.55
N SER A 451 -20.90 27.75 -35.06
CA SER A 451 -20.43 29.04 -35.58
C SER A 451 -18.91 29.17 -35.40
N LEU A 452 -18.39 28.79 -34.22
CA LEU A 452 -16.96 28.81 -33.93
C LEU A 452 -16.18 27.73 -34.67
N GLY A 453 -16.87 26.65 -35.05
CA GLY A 453 -16.29 25.52 -35.75
C GLY A 453 -15.43 24.65 -34.84
N VAL A 454 -15.76 24.61 -33.52
CA VAL A 454 -14.96 23.86 -32.53
C VAL A 454 -15.67 22.60 -32.04
N MET B 2 -4.18 -22.27 -0.76
CA MET B 2 -5.21 -23.20 -1.21
C MET B 2 -4.61 -24.55 -1.67
N ALA B 3 -4.22 -24.69 -2.96
CA ALA B 3 -3.64 -25.91 -3.54
C ALA B 3 -2.24 -25.63 -4.09
N ALA B 4 -1.21 -26.01 -3.33
CA ALA B 4 0.19 -25.72 -3.62
C ALA B 4 1.06 -26.94 -3.96
N ASP B 5 2.30 -26.68 -4.41
CA ASP B 5 3.34 -27.67 -4.77
C ASP B 5 4.16 -28.01 -3.51
N ILE B 6 3.96 -29.22 -2.98
CA ILE B 6 4.60 -29.72 -1.75
C ILE B 6 5.60 -30.84 -2.00
N LEU B 7 6.80 -30.73 -1.39
CA LEU B 7 7.86 -31.75 -1.47
C LEU B 7 7.96 -32.52 -0.14
N VAL B 8 7.73 -33.83 -0.19
CA VAL B 8 7.78 -34.72 0.98
C VAL B 8 9.13 -35.47 0.98
N VAL B 9 10.00 -35.16 1.95
CA VAL B 9 11.34 -35.78 2.07
C VAL B 9 11.35 -36.70 3.30
N ASP B 10 11.40 -38.03 3.06
CA ASP B 10 11.44 -39.06 4.11
C ASP B 10 12.19 -40.30 3.58
N ASP B 11 12.78 -41.11 4.48
CA ASP B 11 13.53 -42.33 4.10
C ASP B 11 12.63 -43.56 3.85
N GLU B 12 11.39 -43.55 4.38
CA GLU B 12 10.41 -44.65 4.28
C GLU B 12 9.34 -44.34 3.24
N VAL B 13 9.06 -45.30 2.35
CA VAL B 13 8.08 -45.15 1.27
C VAL B 13 6.67 -44.99 1.78
N ASP B 14 6.30 -45.71 2.86
CA ASP B 14 4.94 -45.64 3.38
C ASP B 14 4.58 -44.27 3.98
N ILE B 15 5.60 -43.51 4.42
CA ILE B 15 5.43 -42.15 4.96
C ILE B 15 5.33 -41.20 3.76
N ARG B 16 6.26 -41.35 2.77
CA ARG B 16 6.26 -40.55 1.53
C ARG B 16 4.93 -40.69 0.81
N ASP B 17 4.42 -41.93 0.67
CA ASP B 17 3.14 -42.21 0.03
C ASP B 17 1.97 -41.75 0.87
N LEU B 18 2.05 -41.90 2.22
CA LEU B 18 0.95 -41.51 3.12
C LEU B 18 0.77 -40.00 3.13
N VAL B 19 1.87 -39.25 3.36
CA VAL B 19 1.87 -37.79 3.42
C VAL B 19 1.47 -37.22 2.05
N ALA B 20 2.17 -37.65 0.96
CA ALA B 20 1.89 -37.20 -0.41
C ALA B 20 0.48 -37.53 -0.81
N GLY B 21 -0.03 -38.66 -0.32
CA GLY B 21 -1.37 -39.15 -0.59
C GLY B 21 -2.47 -38.28 -0.05
N ILE B 22 -2.42 -37.99 1.26
CA ILE B 22 -3.39 -37.16 1.98
C ILE B 22 -3.42 -35.74 1.40
N LEU B 23 -2.22 -35.18 1.16
CA LEU B 23 -2.07 -33.82 0.64
C LEU B 23 -2.58 -33.67 -0.78
N SER B 24 -2.26 -34.66 -1.66
CA SER B 24 -2.68 -34.72 -3.07
C SER B 24 -4.20 -34.84 -3.15
N ASP B 25 -4.78 -35.69 -2.28
CA ASP B 25 -6.22 -35.90 -2.15
C ASP B 25 -6.93 -34.63 -1.67
N GLU B 26 -6.19 -33.75 -0.95
CA GLU B 26 -6.75 -32.48 -0.47
C GLU B 26 -6.86 -31.47 -1.64
N GLY B 27 -5.97 -31.60 -2.62
CA GLY B 27 -5.94 -30.75 -3.81
C GLY B 27 -4.54 -30.32 -4.21
N HIS B 28 -3.53 -30.61 -3.37
CA HIS B 28 -2.15 -30.23 -3.60
C HIS B 28 -1.45 -31.05 -4.66
N GLU B 29 -0.31 -30.56 -5.13
CA GLU B 29 0.57 -31.25 -6.06
C GLU B 29 1.70 -31.73 -5.18
N THR B 30 1.97 -33.04 -5.19
CA THR B 30 2.99 -33.59 -4.32
C THR B 30 4.11 -34.29 -5.06
N ARG B 31 5.33 -33.99 -4.66
CA ARG B 31 6.56 -34.60 -5.17
C ARG B 31 7.29 -35.19 -3.95
N THR B 32 8.16 -36.20 -4.17
CA THR B 32 8.86 -36.88 -3.07
C THR B 32 10.37 -37.00 -3.32
N ALA B 33 11.13 -37.24 -2.24
CA ALA B 33 12.58 -37.42 -2.23
C ALA B 33 12.96 -38.30 -1.03
N PHE B 34 14.02 -39.10 -1.14
CA PHE B 34 14.38 -40.05 -0.08
C PHE B 34 15.61 -39.64 0.75
N ASP B 35 16.42 -38.70 0.24
CA ASP B 35 17.62 -38.21 0.90
C ASP B 35 17.86 -36.73 0.57
N ALA B 36 19.04 -36.20 0.90
CA ALA B 36 19.42 -34.82 0.64
C ALA B 36 19.61 -34.54 -0.84
N ASP B 37 20.34 -35.42 -1.56
CA ASP B 37 20.63 -35.28 -2.99
C ASP B 37 19.38 -35.31 -3.87
N SER B 38 18.43 -36.22 -3.57
CA SER B 38 17.17 -36.29 -4.31
C SER B 38 16.26 -35.08 -4.00
N ALA B 39 16.34 -34.55 -2.74
CA ALA B 39 15.59 -33.39 -2.26
C ALA B 39 16.06 -32.12 -2.96
N LEU B 40 17.39 -31.88 -2.96
CA LEU B 40 18.02 -30.74 -3.59
C LEU B 40 17.82 -30.74 -5.11
N ALA B 41 17.72 -31.95 -5.70
CA ALA B 41 17.45 -32.17 -7.13
C ALA B 41 15.99 -31.84 -7.45
N ALA B 42 15.04 -32.24 -6.57
CA ALA B 42 13.60 -31.96 -6.72
C ALA B 42 13.38 -30.43 -6.67
N ILE B 43 14.07 -29.73 -5.72
CA ILE B 43 14.00 -28.27 -5.60
C ILE B 43 14.61 -27.62 -6.85
N ASN B 44 15.62 -28.28 -7.46
CA ASN B 44 16.26 -27.85 -8.70
C ASN B 44 15.33 -28.07 -9.89
N ASP B 45 14.45 -29.11 -9.87
CA ASP B 45 13.48 -29.31 -10.93
C ASP B 45 12.51 -28.13 -10.95
N ARG B 46 12.07 -27.73 -9.75
CA ARG B 46 11.17 -26.60 -9.47
C ARG B 46 11.14 -26.37 -7.96
N ALA B 47 11.18 -25.10 -7.57
CA ALA B 47 11.11 -24.69 -6.17
C ALA B 47 9.68 -24.95 -5.66
N PRO B 48 9.50 -25.77 -4.59
CA PRO B 48 8.14 -26.00 -4.08
C PRO B 48 7.67 -24.83 -3.20
N ARG B 49 6.37 -24.77 -2.86
CA ARG B 49 5.79 -23.75 -1.97
C ARG B 49 5.85 -24.18 -0.49
N LEU B 50 6.17 -25.49 -0.22
CA LEU B 50 6.24 -26.13 1.11
C LEU B 50 7.06 -27.44 1.07
N VAL B 51 7.81 -27.73 2.16
CA VAL B 51 8.61 -28.96 2.34
C VAL B 51 8.21 -29.68 3.65
N PHE B 52 8.10 -31.02 3.61
CA PHE B 52 7.91 -31.88 4.79
C PHE B 52 9.21 -32.65 4.93
N LEU B 53 9.97 -32.39 6.00
CA LEU B 53 11.29 -32.99 6.18
C LEU B 53 11.43 -33.83 7.45
N ASP B 54 11.74 -35.12 7.25
CA ASP B 54 12.01 -36.12 8.29
C ASP B 54 13.30 -35.69 9.02
N ILE B 55 13.29 -35.66 10.37
CA ILE B 55 14.45 -35.23 11.15
C ILE B 55 15.63 -36.20 10.97
N TRP B 56 15.35 -37.51 11.04
CA TRP B 56 16.39 -38.52 10.84
C TRP B 56 16.27 -39.14 9.45
N LEU B 57 17.17 -38.74 8.54
CA LEU B 57 17.20 -39.27 7.17
C LEU B 57 18.27 -40.35 7.02
N ASP B 63 22.03 -35.57 7.40
CA ASP B 63 20.81 -35.68 8.21
C ASP B 63 19.81 -34.53 7.93
N GLY B 64 18.59 -34.68 8.46
CA GLY B 64 17.48 -33.74 8.31
C GLY B 64 17.81 -32.29 8.66
N LEU B 65 18.43 -32.08 9.84
CA LEU B 65 18.82 -30.77 10.35
C LEU B 65 19.84 -30.05 9.46
N ALA B 66 20.75 -30.80 8.81
CA ALA B 66 21.77 -30.27 7.91
C ALA B 66 21.12 -29.85 6.59
N LEU B 67 20.17 -30.68 6.10
CA LEU B 67 19.38 -30.43 4.88
C LEU B 67 18.46 -29.22 5.12
N LEU B 68 17.91 -29.10 6.34
CA LEU B 68 17.07 -27.99 6.79
C LEU B 68 17.85 -26.67 6.65
N ASP B 69 19.13 -26.63 7.11
CA ASP B 69 19.99 -25.44 6.98
C ASP B 69 20.24 -25.06 5.51
N GLU B 70 20.48 -26.07 4.66
CA GLU B 70 20.76 -25.90 3.24
C GLU B 70 19.56 -25.36 2.48
N ILE B 71 18.36 -25.95 2.72
CA ILE B 71 17.09 -25.52 2.10
C ILE B 71 16.83 -24.05 2.46
N LYS B 72 16.98 -23.70 3.76
CA LYS B 72 16.75 -22.35 4.29
C LYS B 72 17.78 -21.32 3.80
N LYS B 73 19.02 -21.75 3.50
CA LYS B 73 20.11 -20.91 2.98
C LYS B 73 19.74 -20.43 1.57
N GLN B 74 19.41 -21.37 0.68
CA GLN B 74 19.10 -21.09 -0.72
C GLN B 74 17.71 -20.52 -0.91
N HIS B 75 16.74 -20.97 -0.07
CA HIS B 75 15.33 -20.54 -0.13
C HIS B 75 14.84 -20.08 1.25
N PRO B 76 15.18 -18.81 1.64
CA PRO B 76 14.77 -18.32 2.98
C PRO B 76 13.26 -18.24 3.20
N GLU B 77 12.52 -17.94 2.13
CA GLU B 77 11.07 -17.80 2.14
C GLU B 77 10.30 -19.14 2.00
N LEU B 78 11.01 -20.29 1.90
CA LEU B 78 10.38 -21.61 1.75
C LEU B 78 10.13 -22.27 3.10
N PRO B 79 8.85 -22.42 3.55
CA PRO B 79 8.61 -23.04 4.86
C PRO B 79 8.92 -24.54 4.84
N VAL B 80 9.45 -25.03 5.96
CA VAL B 80 9.78 -26.44 6.12
C VAL B 80 9.11 -26.93 7.39
N VAL B 81 8.30 -27.99 7.27
CA VAL B 81 7.62 -28.62 8.39
C VAL B 81 8.32 -29.94 8.63
N MET B 82 8.74 -30.20 9.86
CA MET B 82 9.45 -31.45 10.19
C MET B 82 8.52 -32.60 10.40
N ILE B 83 8.94 -33.80 9.99
CA ILE B 83 8.22 -35.04 10.27
C ILE B 83 9.03 -35.63 11.45
N SER B 84 8.39 -35.82 12.60
CA SER B 84 9.10 -36.32 13.77
C SER B 84 8.56 -37.62 14.32
N GLY B 85 9.48 -38.44 14.81
CA GLY B 85 9.21 -39.72 15.47
C GLY B 85 8.50 -39.51 16.79
N HIS B 86 7.67 -40.48 17.18
CA HIS B 86 6.88 -40.45 18.42
C HIS B 86 7.72 -40.23 19.69
N GLY B 87 8.92 -40.81 19.70
CA GLY B 87 9.86 -40.75 20.80
C GLY B 87 10.34 -39.39 21.25
N ASN B 88 10.93 -38.59 20.34
CA ASN B 88 11.56 -37.34 20.74
C ASN B 88 11.03 -36.04 20.10
N ILE B 89 10.58 -35.13 20.97
CA ILE B 89 10.12 -33.78 20.63
C ILE B 89 11.27 -32.76 20.86
N GLU B 90 12.36 -33.18 21.53
CA GLU B 90 13.48 -32.29 21.78
C GLU B 90 14.15 -31.80 20.50
N THR B 91 14.36 -32.71 19.52
CA THR B 91 14.97 -32.36 18.23
C THR B 91 14.03 -31.53 17.37
N ALA B 92 12.72 -31.89 17.34
CA ALA B 92 11.68 -31.17 16.60
C ALA B 92 11.67 -29.68 17.02
N VAL B 93 11.80 -29.42 18.33
CA VAL B 93 11.88 -28.08 18.92
C VAL B 93 13.18 -27.41 18.52
N SER B 94 14.28 -28.19 18.47
CA SER B 94 15.60 -27.71 18.06
C SER B 94 15.57 -27.26 16.59
N ALA B 95 14.79 -27.98 15.74
CA ALA B 95 14.59 -27.70 14.31
C ALA B 95 13.84 -26.38 14.10
N ILE B 96 12.83 -26.08 14.97
CA ILE B 96 12.07 -24.82 14.93
C ILE B 96 13.02 -23.63 15.05
N ARG B 97 13.98 -23.70 16.02
CA ARG B 97 15.00 -22.67 16.26
C ARG B 97 15.97 -22.54 15.09
N ARG B 98 16.24 -23.65 14.39
CA ARG B 98 17.13 -23.69 13.23
C ARG B 98 16.47 -23.21 11.92
N GLY B 99 15.15 -22.94 11.95
CA GLY B 99 14.44 -22.41 10.80
C GLY B 99 13.14 -23.07 10.37
N ALA B 100 12.80 -24.24 10.93
CA ALA B 100 11.58 -24.97 10.61
C ALA B 100 10.32 -24.23 11.13
N TYR B 101 9.23 -24.27 10.33
CA TYR B 101 7.97 -23.63 10.69
C TYR B 101 7.22 -24.36 11.80
N ASP B 102 7.01 -25.68 11.65
CA ASP B 102 6.28 -26.54 12.60
C ASP B 102 6.82 -27.96 12.49
N PHE B 103 6.15 -28.90 13.17
CA PHE B 103 6.49 -30.33 13.13
C PHE B 103 5.23 -31.16 13.29
N ILE B 104 5.25 -32.36 12.70
CA ILE B 104 4.15 -33.32 12.78
C ILE B 104 4.67 -34.61 13.37
N GLU B 105 3.85 -35.22 14.22
CA GLU B 105 4.17 -36.45 14.95
C GLU B 105 3.54 -37.70 14.42
N LYS B 106 4.35 -38.76 14.29
CA LYS B 106 3.86 -40.10 13.90
C LYS B 106 3.25 -40.82 15.10
N PRO B 107 2.10 -41.48 14.91
CA PRO B 107 1.24 -41.44 13.74
C PRO B 107 0.37 -40.20 13.87
N PHE B 108 0.01 -39.66 12.75
CA PHE B 108 -0.80 -38.46 12.77
C PHE B 108 -2.12 -38.75 12.12
N LYS B 109 -3.12 -37.96 12.46
CA LYS B 109 -4.41 -38.00 11.82
C LYS B 109 -4.22 -37.18 10.54
N ALA B 110 -4.95 -37.53 9.48
CA ALA B 110 -4.89 -36.87 8.18
C ALA B 110 -5.30 -35.39 8.30
N ASP B 111 -6.34 -35.10 9.14
CA ASP B 111 -6.84 -33.74 9.39
C ASP B 111 -5.77 -32.82 9.97
N ARG B 112 -4.91 -33.34 10.87
CA ARG B 112 -3.75 -32.64 11.42
C ARG B 112 -2.76 -32.29 10.29
N LEU B 113 -2.44 -33.25 9.40
CA LEU B 113 -1.54 -33.03 8.27
C LEU B 113 -2.09 -31.93 7.33
N ILE B 114 -3.39 -32.00 7.01
CA ILE B 114 -4.07 -31.03 6.16
C ILE B 114 -3.97 -29.60 6.79
N LEU B 115 -4.30 -29.47 8.08
CA LEU B 115 -4.27 -28.24 8.89
C LEU B 115 -2.88 -27.58 8.95
N VAL B 116 -1.83 -28.37 9.24
CA VAL B 116 -0.45 -27.92 9.33
C VAL B 116 0.01 -27.37 7.98
N ALA B 117 -0.29 -28.08 6.88
CA ALA B 117 0.08 -27.64 5.52
C ALA B 117 -0.59 -26.31 5.19
N GLU B 118 -1.87 -26.18 5.48
CA GLU B 118 -2.67 -24.97 5.26
C GLU B 118 -2.10 -23.75 6.04
N ARG B 119 -1.72 -23.94 7.34
CA ARG B 119 -1.19 -22.86 8.19
C ARG B 119 0.18 -22.42 7.76
N ALA B 120 1.06 -23.37 7.39
CA ALA B 120 2.40 -23.11 6.89
C ALA B 120 2.33 -22.32 5.59
N LEU B 121 1.35 -22.67 4.71
CA LEU B 121 1.13 -21.98 3.45
C LEU B 121 0.51 -20.60 3.67
N GLU B 122 -0.44 -20.47 4.60
CA GLU B 122 -1.10 -19.19 4.94
C GLU B 122 -0.09 -18.17 5.45
N THR B 123 0.83 -18.59 6.34
CA THR B 123 1.89 -17.76 6.91
C THR B 123 2.87 -17.32 5.82
N SER B 124 3.23 -18.26 4.91
CA SER B 124 4.12 -18.02 3.78
C SER B 124 3.49 -17.01 2.81
N LYS B 125 2.18 -17.17 2.52
CA LYS B 125 1.40 -16.28 1.66
C LYS B 125 1.33 -14.89 2.27
N LEU B 126 1.12 -14.80 3.62
CA LEU B 126 1.03 -13.54 4.37
C LEU B 126 2.31 -12.74 4.29
N LYS B 127 3.46 -13.42 4.40
CA LYS B 127 4.79 -12.82 4.31
C LYS B 127 5.07 -12.33 2.87
N ARG B 128 4.58 -13.09 1.87
CA ARG B 128 4.70 -12.75 0.44
C ARG B 128 3.79 -11.55 0.11
N GLU B 129 2.58 -11.51 0.71
CA GLU B 129 1.60 -10.43 0.56
C GLU B 129 2.16 -9.16 1.20
N VAL B 130 2.90 -9.31 2.33
CA VAL B 130 3.58 -8.21 3.02
C VAL B 130 4.65 -7.60 2.08
N SER B 131 5.55 -8.44 1.52
CA SER B 131 6.62 -8.00 0.59
C SER B 131 6.06 -7.28 -0.63
N ASP B 132 5.03 -7.87 -1.26
CA ASP B 132 4.30 -7.34 -2.42
C ASP B 132 3.67 -5.95 -2.11
N LEU B 133 2.92 -5.82 -0.98
CA LEU B 133 2.28 -4.56 -0.54
C LEU B 133 3.28 -3.46 -0.15
N ARG B 134 4.48 -3.86 0.37
CA ARG B 134 5.54 -2.91 0.71
C ARG B 134 6.14 -2.31 -0.57
N LYS B 135 6.20 -3.11 -1.64
CA LYS B 135 6.70 -2.65 -2.94
C LYS B 135 5.74 -1.67 -3.64
N ARG B 136 4.42 -1.76 -3.34
CA ARG B 136 3.38 -0.90 -3.91
C ARG B 136 3.17 0.38 -3.10
N THR B 137 3.17 0.28 -1.76
CA THR B 137 3.02 1.43 -0.87
C THR B 137 4.29 2.32 -0.95
N GLY B 138 5.44 1.69 -1.27
CA GLY B 138 6.76 2.31 -1.27
C GLY B 138 7.07 2.53 0.19
N ASP B 139 6.60 1.57 0.98
CA ASP B 139 6.65 1.60 2.42
C ASP B 139 7.55 0.53 2.96
N GLN B 140 8.86 0.78 2.85
CA GLN B 140 9.84 -0.12 3.43
C GLN B 140 10.37 0.50 4.71
N LEU B 141 10.97 -0.35 5.55
CA LEU B 141 11.52 0.00 6.85
C LEU B 141 13.01 0.31 6.82
N GLU B 142 13.51 0.78 5.66
CA GLU B 142 14.93 1.09 5.53
C GLU B 142 15.20 2.60 5.48
N LEU B 143 16.19 3.05 6.27
CA LEU B 143 16.61 4.44 6.39
C LEU B 143 17.83 4.73 5.55
N VAL B 144 17.59 5.21 4.32
CA VAL B 144 18.59 5.57 3.32
C VAL B 144 19.25 6.87 3.72
N GLY B 145 20.57 6.91 3.60
CA GLY B 145 21.35 8.09 3.93
C GLY B 145 22.76 7.73 4.33
N THR B 146 23.73 8.31 3.65
CA THR B 146 25.14 8.05 3.94
C THR B 146 25.73 9.19 4.75
N SER B 147 24.95 10.27 4.97
CA SER B 147 25.37 11.44 5.72
C SER B 147 25.66 11.14 7.19
N LEU B 148 26.36 12.07 7.85
CA LEU B 148 26.70 11.97 9.27
C LEU B 148 25.47 12.20 10.15
N ALA B 149 24.48 12.96 9.64
CA ALA B 149 23.22 13.25 10.33
C ALA B 149 22.39 11.97 10.40
N MET B 150 22.47 11.16 9.34
CA MET B 150 21.77 9.89 9.21
C MET B 150 22.41 8.78 9.99
N ASN B 151 23.75 8.75 10.03
CA ASN B 151 24.53 7.76 10.77
C ASN B 151 24.32 7.97 12.27
N GLN B 152 24.36 9.23 12.74
CA GLN B 152 24.11 9.59 14.14
C GLN B 152 22.68 9.25 14.55
N LEU B 153 21.71 9.39 13.61
CA LEU B 153 20.30 9.04 13.84
C LEU B 153 20.16 7.53 13.96
N ARG B 154 20.82 6.77 13.09
CA ARG B 154 20.78 5.31 13.11
C ARG B 154 21.35 4.72 14.40
N GLN B 155 22.41 5.36 14.94
CA GLN B 155 23.05 4.96 16.19
C GLN B 155 22.18 5.32 17.38
N THR B 156 21.50 6.50 17.34
CA THR B 156 20.54 6.91 18.37
C THR B 156 19.40 5.86 18.42
N ILE B 157 18.90 5.40 17.24
CA ILE B 157 17.84 4.37 17.14
C ILE B 157 18.29 3.07 17.81
N GLU B 158 19.53 2.65 17.49
CA GLU B 158 20.18 1.43 17.98
C GLU B 158 20.33 1.43 19.52
N ARG B 159 20.54 2.61 20.11
CA ARG B 159 20.73 2.79 21.54
C ARG B 159 19.42 2.86 22.32
N VAL B 160 18.46 3.67 21.87
CA VAL B 160 17.21 3.90 22.59
C VAL B 160 16.18 2.77 22.37
N ALA B 161 16.24 2.04 21.25
CA ALA B 161 15.28 0.97 20.96
C ALA B 161 15.27 -0.19 21.98
N PRO B 162 16.43 -0.76 22.44
CA PRO B 162 16.36 -1.89 23.40
C PRO B 162 15.86 -1.54 24.81
N THR B 163 15.85 -0.24 25.17
CA THR B 163 15.34 0.21 26.47
C THR B 163 13.79 0.19 26.45
N ASN B 164 13.17 0.59 27.56
CA ASN B 164 11.72 0.63 27.70
C ASN B 164 11.23 2.08 27.83
N SER B 165 12.17 3.03 27.66
CA SER B 165 11.94 4.46 27.78
C SER B 165 10.97 5.04 26.76
N ARG B 166 10.20 6.07 27.19
CA ARG B 166 9.28 6.85 26.37
C ARG B 166 10.13 7.71 25.44
N ILE B 167 9.78 7.73 24.14
CA ILE B 167 10.53 8.48 23.12
C ILE B 167 9.76 9.70 22.65
N MET B 168 10.48 10.81 22.47
CA MET B 168 9.94 12.02 21.88
C MET B 168 10.76 12.31 20.62
N ILE B 169 10.11 12.22 19.45
CA ILE B 169 10.73 12.45 18.14
C ILE B 169 10.41 13.86 17.63
N THR B 170 11.46 14.65 17.37
CA THR B 170 11.32 16.00 16.82
C THR B 170 11.96 16.03 15.46
N GLY B 171 11.37 16.80 14.56
CA GLY B 171 11.87 16.95 13.21
C GLY B 171 10.77 17.51 12.33
N PRO B 172 11.11 18.15 11.19
CA PRO B 172 10.02 18.72 10.36
C PRO B 172 9.18 17.67 9.65
N SER B 173 8.02 18.08 9.08
CA SER B 173 7.10 17.18 8.37
C SER B 173 7.83 16.49 7.20
N GLY B 174 7.55 15.21 6.99
CA GLY B 174 8.12 14.44 5.90
C GLY B 174 9.59 14.09 6.02
N ALA B 175 10.22 14.40 7.17
CA ALA B 175 11.63 14.13 7.46
C ALA B 175 11.91 12.66 7.79
N GLY B 176 10.88 11.91 8.18
CA GLY B 176 11.02 10.50 8.51
C GLY B 176 10.74 10.12 9.95
N LYS B 177 9.96 10.95 10.69
CA LYS B 177 9.60 10.69 12.10
C LYS B 177 8.88 9.34 12.28
N GLU B 178 7.86 9.03 11.43
CA GLU B 178 7.15 7.75 11.52
C GLU B 178 8.06 6.57 11.20
N LEU B 179 8.94 6.73 10.20
CA LEU B 179 9.87 5.67 9.81
C LEU B 179 10.84 5.33 10.96
N VAL B 180 11.30 6.34 11.70
CA VAL B 180 12.19 6.21 12.87
C VAL B 180 11.47 5.46 13.99
N ALA B 181 10.19 5.81 14.25
CA ALA B 181 9.33 5.17 15.24
C ALA B 181 9.19 3.66 14.93
N ARG B 182 8.95 3.31 13.65
CA ARG B 182 8.83 1.92 13.16
C ARG B 182 10.18 1.19 13.31
N ALA B 183 11.30 1.88 13.01
CA ALA B 183 12.66 1.33 13.18
C ALA B 183 12.97 1.09 14.66
N ILE B 184 12.52 1.98 15.57
CA ILE B 184 12.68 1.83 17.01
C ILE B 184 11.87 0.60 17.44
N HIS B 185 10.64 0.45 16.91
CA HIS B 185 9.78 -0.68 17.18
C HIS B 185 10.40 -2.01 16.73
N ALA B 186 10.93 -2.08 15.50
CA ALA B 186 11.55 -3.29 14.94
C ALA B 186 12.86 -3.71 15.66
N GLN B 187 13.48 -2.78 16.39
CA GLN B 187 14.71 -3.02 17.13
C GLN B 187 14.48 -3.09 18.67
N SER B 188 13.19 -3.09 19.11
CA SER B 188 12.82 -3.16 20.52
C SER B 188 12.43 -4.58 20.97
N SER B 189 12.10 -4.75 22.26
CA SER B 189 11.61 -6.00 22.86
C SER B 189 10.15 -6.24 22.43
N ARG B 190 9.47 -5.17 21.99
CA ARG B 190 8.08 -5.20 21.55
C ARG B 190 7.94 -5.25 20.01
N ALA B 191 9.02 -5.65 19.28
CA ALA B 191 9.04 -5.80 17.82
C ALA B 191 7.96 -6.78 17.33
N ASN B 192 7.61 -7.77 18.17
CA ASN B 192 6.57 -8.76 17.86
C ASN B 192 5.20 -8.29 18.34
N GLY B 193 5.20 -7.25 19.17
CA GLY B 193 3.99 -6.61 19.70
C GLY B 193 3.40 -5.62 18.71
N PRO B 194 2.18 -5.11 18.97
CA PRO B 194 1.56 -4.20 18.01
C PRO B 194 2.23 -2.82 17.91
N PHE B 195 2.05 -2.16 16.73
CA PHE B 195 2.52 -0.81 16.45
C PHE B 195 1.29 -0.06 16.02
N VAL B 196 0.71 0.70 16.94
CA VAL B 196 -0.54 1.44 16.72
C VAL B 196 -0.23 2.94 16.58
N THR B 197 -0.85 3.59 15.57
CA THR B 197 -0.64 5.01 15.32
C THR B 197 -1.90 5.82 15.59
N VAL B 198 -1.72 7.01 16.16
CA VAL B 198 -2.81 7.97 16.43
C VAL B 198 -2.42 9.27 15.71
N ASN B 199 -3.15 9.63 14.63
CA ASN B 199 -2.91 10.86 13.85
C ASN B 199 -3.96 11.89 14.24
N ALA B 200 -3.62 12.79 15.20
CA ALA B 200 -4.54 13.82 15.70
C ALA B 200 -5.09 14.73 14.59
N ALA B 201 -4.23 15.12 13.63
CA ALA B 201 -4.56 15.97 12.47
C ALA B 201 -5.69 15.40 11.60
N THR B 202 -5.73 14.05 11.42
CA THR B 202 -6.71 13.36 10.59
C THR B 202 -7.83 12.69 11.40
N ILE B 203 -8.04 13.15 12.63
CA ILE B 203 -9.13 12.63 13.47
C ILE B 203 -9.99 13.82 13.87
N THR B 204 -11.32 13.72 13.59
CA THR B 204 -12.30 14.76 13.96
C THR B 204 -12.33 14.89 15.49
N PRO B 205 -12.38 16.13 16.06
CA PRO B 205 -12.37 16.26 17.53
C PRO B 205 -13.48 15.48 18.24
N GLU B 206 -14.65 15.40 17.60
CA GLU B 206 -15.86 14.69 18.07
C GLU B 206 -15.67 13.16 18.16
N ARG B 207 -14.56 12.64 17.59
CA ARG B 207 -14.26 11.21 17.51
C ARG B 207 -12.88 10.81 18.08
N MET B 208 -12.12 11.76 18.66
CA MET B 208 -10.81 11.52 19.24
C MET B 208 -10.84 10.57 20.44
N GLU B 209 -11.78 10.82 21.38
CA GLU B 209 -12.00 10.04 22.60
C GLU B 209 -12.29 8.57 22.24
N ILE B 210 -13.17 8.34 21.25
CA ILE B 210 -13.58 7.03 20.74
C ILE B 210 -12.39 6.32 20.04
N GLU B 211 -11.56 7.06 19.29
CA GLU B 211 -10.39 6.51 18.61
C GLU B 211 -9.32 6.08 19.60
N LEU B 212 -9.14 6.83 20.70
CA LEU B 212 -8.13 6.53 21.73
C LEU B 212 -8.56 5.52 22.77
N PHE B 213 -9.83 5.57 23.21
CA PHE B 213 -10.35 4.76 24.31
C PHE B 213 -11.43 3.74 23.97
N GLY B 214 -11.98 3.81 22.76
CA GLY B 214 -13.02 2.88 22.32
C GLY B 214 -14.37 3.17 22.94
N THR B 215 -15.34 2.26 22.75
CA THR B 215 -16.69 2.40 23.30
C THR B 215 -17.11 1.14 24.08
N GLU B 216 -18.01 1.30 25.07
CA GLU B 216 -18.53 0.17 25.85
C GLU B 216 -19.56 -0.61 25.03
N MET B 217 -19.61 -1.96 25.20
CA MET B 217 -20.48 -2.90 24.49
C MET B 217 -21.98 -2.55 24.57
N GLU B 221 -17.66 -6.24 15.92
CA GLU B 221 -18.73 -5.68 16.75
C GLU B 221 -18.21 -4.65 17.76
N ARG B 222 -17.11 -5.00 18.47
CA ARG B 222 -16.52 -4.11 19.47
C ARG B 222 -15.65 -3.02 18.86
N LYS B 223 -15.75 -1.79 19.41
CA LYS B 223 -14.89 -0.68 19.01
C LYS B 223 -13.79 -0.55 20.05
N VAL B 224 -12.59 -1.04 19.68
CA VAL B 224 -11.37 -1.08 20.48
C VAL B 224 -10.51 0.15 20.14
N GLY B 225 -10.20 0.92 21.18
CA GLY B 225 -9.39 2.13 21.09
C GLY B 225 -7.94 1.81 20.84
N ALA B 226 -7.18 2.83 20.42
CA ALA B 226 -5.76 2.76 20.11
C ALA B 226 -4.91 2.26 21.30
N LEU B 227 -5.26 2.71 22.53
CA LEU B 227 -4.55 2.31 23.75
C LEU B 227 -4.70 0.83 24.06
N GLU B 228 -5.92 0.28 23.90
CA GLU B 228 -6.17 -1.14 24.14
C GLU B 228 -5.52 -2.00 23.05
N GLU B 229 -5.59 -1.54 21.78
CA GLU B 229 -4.94 -2.18 20.63
C GLU B 229 -3.43 -2.20 20.79
N ALA B 230 -2.86 -1.15 21.41
CA ALA B 230 -1.42 -1.05 21.63
C ALA B 230 -0.89 -1.87 22.84
N HIS B 231 -1.79 -2.47 23.68
CA HIS B 231 -1.39 -3.26 24.87
C HIS B 231 -0.33 -4.31 24.53
N GLY B 232 0.80 -4.24 25.21
CA GLY B 232 1.94 -5.13 25.00
C GLY B 232 2.87 -4.68 23.90
N GLY B 233 2.52 -3.60 23.21
CA GLY B 233 3.31 -3.06 22.12
C GLY B 233 3.61 -1.58 22.25
N ILE B 234 3.65 -0.89 21.10
CA ILE B 234 3.94 0.54 21.04
C ILE B 234 2.77 1.36 20.48
N LEU B 235 2.46 2.48 21.14
CA LEU B 235 1.49 3.48 20.70
C LEU B 235 2.27 4.72 20.25
N TYR B 236 2.07 5.09 18.97
CA TYR B 236 2.71 6.21 18.32
C TYR B 236 1.73 7.37 18.20
N LEU B 237 1.96 8.41 19.01
CA LEU B 237 1.17 9.64 19.01
C LEU B 237 1.84 10.57 18.01
N ASP B 238 1.39 10.45 16.76
CA ASP B 238 1.88 11.18 15.61
C ASP B 238 1.42 12.63 15.67
N GLU B 239 2.36 13.57 15.89
CA GLU B 239 2.10 15.01 15.95
C GLU B 239 1.13 15.38 17.12
N VAL B 240 1.67 15.36 18.35
CA VAL B 240 0.95 15.66 19.62
C VAL B 240 0.42 17.09 19.66
N ALA B 241 1.10 18.02 18.97
CA ALA B 241 0.75 19.44 18.89
C ALA B 241 -0.65 19.68 18.32
N ASP B 242 -1.19 18.71 17.55
CA ASP B 242 -2.52 18.76 16.95
C ASP B 242 -3.62 18.27 17.89
N MET B 243 -3.26 17.91 19.12
CA MET B 243 -4.23 17.44 20.11
C MET B 243 -4.88 18.63 20.82
N PRO B 244 -6.23 18.69 20.85
CA PRO B 244 -6.89 19.78 21.58
C PRO B 244 -6.68 19.65 23.09
N ARG B 245 -6.97 20.73 23.84
CA ARG B 245 -6.83 20.80 25.30
C ARG B 245 -7.50 19.60 25.99
N GLU B 246 -8.77 19.30 25.62
CA GLU B 246 -9.57 18.18 26.16
C GLU B 246 -8.86 16.83 26.01
N THR B 247 -8.21 16.61 24.83
CA THR B 247 -7.47 15.39 24.49
C THR B 247 -6.16 15.29 25.29
N GLN B 248 -5.42 16.41 25.36
CA GLN B 248 -4.17 16.52 26.13
C GLN B 248 -4.37 16.10 27.60
N ASN B 249 -5.53 16.47 28.18
CA ASN B 249 -5.94 16.16 29.56
C ASN B 249 -6.02 14.64 29.80
N LYS B 250 -6.80 13.94 28.95
CA LYS B 250 -7.00 12.49 28.99
C LYS B 250 -5.70 11.70 28.81
N ILE B 251 -4.82 12.13 27.85
CA ILE B 251 -3.53 11.48 27.60
C ILE B 251 -2.68 11.55 28.84
N LEU B 252 -2.60 12.75 29.44
CA LEU B 252 -1.83 12.99 30.66
C LEU B 252 -2.34 12.03 31.74
N ARG B 253 -3.68 11.96 31.92
CA ARG B 253 -4.37 11.07 32.87
C ARG B 253 -4.08 9.58 32.63
N VAL B 254 -3.84 9.16 31.36
CA VAL B 254 -3.50 7.76 31.04
C VAL B 254 -2.05 7.51 31.45
N LEU B 255 -1.16 8.51 31.30
CA LEU B 255 0.25 8.39 31.64
C LEU B 255 0.50 8.23 33.15
N VAL B 256 -0.42 8.71 34.01
CA VAL B 256 -0.21 8.64 35.46
C VAL B 256 -0.43 7.23 36.03
N ASP B 257 -1.45 6.49 35.51
CA ASP B 257 -1.82 5.17 36.03
C ASP B 257 -1.96 4.02 35.00
N GLN B 258 -1.75 4.31 33.68
CA GLN B 258 -1.87 3.35 32.55
C GLN B 258 -3.28 2.76 32.49
N GLN B 259 -4.27 3.59 32.84
CA GLN B 259 -5.68 3.24 32.88
C GLN B 259 -6.53 4.33 32.30
N PHE B 260 -7.71 3.94 31.77
CA PHE B 260 -8.69 4.81 31.12
C PHE B 260 -10.04 4.11 31.07
N GLU B 261 -11.11 4.88 30.91
CA GLU B 261 -12.45 4.31 30.71
C GLU B 261 -12.73 4.28 29.20
N ARG B 262 -13.61 3.39 28.76
CA ARG B 262 -14.04 3.35 27.37
C ARG B 262 -15.22 4.32 27.31
N VAL B 263 -15.35 5.07 26.19
CA VAL B 263 -16.44 6.03 25.98
C VAL B 263 -17.81 5.35 26.15
N GLY B 264 -18.65 5.92 27.01
CA GLY B 264 -19.97 5.41 27.32
C GLY B 264 -20.01 4.43 28.48
N GLY B 265 -18.83 3.98 28.93
CA GLY B 265 -18.68 3.01 30.01
C GLY B 265 -17.89 3.48 31.22
N THR B 266 -17.95 2.66 32.29
CA THR B 266 -17.31 2.91 33.61
C THR B 266 -16.07 2.06 33.79
N LYS B 267 -15.97 0.95 33.04
CA LYS B 267 -14.86 0.01 33.12
C LYS B 267 -13.54 0.69 32.85
N ARG B 268 -12.63 0.60 33.84
CA ARG B 268 -11.29 1.13 33.73
C ARG B 268 -10.38 0.02 33.24
N VAL B 269 -9.93 0.15 32.00
CA VAL B 269 -9.04 -0.79 31.31
C VAL B 269 -7.61 -0.39 31.65
N LYS B 270 -6.80 -1.38 32.06
CA LYS B 270 -5.39 -1.21 32.37
C LYS B 270 -4.57 -1.72 31.17
N VAL B 271 -3.63 -0.89 30.68
CA VAL B 271 -2.78 -1.28 29.55
C VAL B 271 -1.29 -1.18 29.91
N ASP B 272 -0.45 -1.80 29.09
CA ASP B 272 1.00 -1.78 29.23
C ASP B 272 1.53 -1.45 27.83
N VAL B 273 1.78 -0.16 27.63
CA VAL B 273 2.17 0.42 26.37
C VAL B 273 3.45 1.27 26.48
N ARG B 274 4.32 1.16 25.48
CA ARG B 274 5.52 1.98 25.34
C ARG B 274 5.10 3.13 24.37
N ILE B 275 5.14 4.36 24.85
CA ILE B 275 4.73 5.50 24.04
C ILE B 275 5.90 6.16 23.33
N ILE B 276 5.71 6.39 22.03
CA ILE B 276 6.57 7.15 21.13
C ILE B 276 5.70 8.30 20.63
N SER B 277 6.15 9.52 20.84
CA SER B 277 5.46 10.75 20.45
C SER B 277 6.32 11.46 19.42
N SER B 278 5.71 12.31 18.61
CA SER B 278 6.41 13.11 17.64
C SER B 278 5.74 14.45 17.49
N THR B 279 6.53 15.43 17.08
CA THR B 279 6.11 16.80 16.79
C THR B 279 7.06 17.42 15.76
N ALA B 280 6.50 18.26 14.87
CA ALA B 280 7.24 19.06 13.88
C ALA B 280 7.13 20.52 14.35
N GLN B 281 6.42 20.72 15.47
CA GLN B 281 6.12 21.99 16.10
C GLN B 281 7.00 22.36 17.29
N ASN B 282 6.92 23.62 17.72
CA ASN B 282 7.67 24.10 18.88
C ASN B 282 6.72 23.91 20.06
N LEU B 283 6.99 22.90 20.91
CA LEU B 283 6.08 22.61 22.03
C LEU B 283 6.25 23.57 23.19
N GLU B 284 7.50 23.94 23.54
CA GLU B 284 7.81 24.88 24.62
C GLU B 284 7.21 26.28 24.37
N GLY B 285 7.11 26.66 23.09
CA GLY B 285 6.49 27.90 22.65
C GLY B 285 4.98 27.83 22.76
N MET B 286 4.40 26.62 22.53
CA MET B 286 2.96 26.37 22.64
C MET B 286 2.50 26.43 24.10
N ILE B 287 3.41 26.05 25.04
CA ILE B 287 3.21 26.09 26.48
C ILE B 287 3.09 27.57 26.89
N ALA B 288 3.97 28.43 26.32
CA ALA B 288 3.98 29.87 26.55
C ALA B 288 2.71 30.55 26.00
N GLU B 289 2.15 30.02 24.89
CA GLU B 289 0.91 30.52 24.28
C GLU B 289 -0.31 29.90 24.98
N GLY B 290 -0.06 28.99 25.92
CA GLY B 290 -1.09 28.27 26.68
C GLY B 290 -1.91 27.28 25.88
N THR B 291 -1.38 26.85 24.72
CA THR B 291 -2.02 25.91 23.80
C THR B 291 -1.64 24.44 24.07
N PHE B 292 -0.53 24.22 24.81
CA PHE B 292 -0.06 22.89 25.16
C PHE B 292 0.29 22.81 26.63
N ARG B 293 -0.14 21.71 27.29
CA ARG B 293 0.09 21.43 28.71
C ARG B 293 1.56 21.17 29.00
N GLU B 294 2.11 21.87 29.99
CA GLU B 294 3.51 21.75 30.44
C GLU B 294 3.79 20.35 31.06
N ASP B 295 2.85 19.82 31.88
CA ASP B 295 2.98 18.51 32.53
C ASP B 295 2.97 17.39 31.49
N LEU B 296 2.10 17.50 30.46
CA LEU B 296 2.05 16.57 29.35
C LEU B 296 3.38 16.56 28.59
N PHE B 297 3.90 17.75 28.25
CA PHE B 297 5.17 17.89 27.55
C PHE B 297 6.31 17.18 28.28
N HIS B 298 6.49 17.45 29.59
CA HIS B 298 7.56 16.84 30.41
C HIS B 298 7.45 15.31 30.52
N ARG B 299 6.20 14.77 30.58
CA ARG B 299 5.92 13.33 30.62
C ARG B 299 6.15 12.63 29.28
N LEU B 300 5.93 13.35 28.15
CA LEU B 300 6.17 12.77 26.82
C LEU B 300 7.63 12.91 26.38
N SER B 301 8.28 14.01 26.81
CA SER B 301 9.66 14.33 26.47
C SER B 301 10.65 13.63 27.43
N VAL B 302 10.77 12.31 27.31
CA VAL B 302 11.64 11.53 28.19
C VAL B 302 12.98 11.33 27.52
N VAL B 303 12.99 10.57 26.42
CA VAL B 303 14.21 10.39 25.65
C VAL B 303 14.03 11.07 24.29
N PRO B 304 14.79 12.15 24.04
CA PRO B 304 14.66 12.85 22.75
C PRO B 304 15.39 12.19 21.59
N VAL B 305 14.77 12.20 20.40
CA VAL B 305 15.31 11.70 19.12
C VAL B 305 15.02 12.78 18.07
N GLN B 306 16.06 13.39 17.52
CA GLN B 306 15.89 14.44 16.52
C GLN B 306 16.17 13.86 15.14
N VAL B 307 15.18 14.00 14.24
CA VAL B 307 15.28 13.57 12.86
C VAL B 307 15.66 14.81 12.07
N PRO B 308 16.83 14.81 11.39
CA PRO B 308 17.26 16.03 10.67
C PRO B 308 16.42 16.41 9.48
N ALA B 309 16.38 17.73 9.21
CA ALA B 309 15.71 18.29 8.04
C ALA B 309 16.50 17.85 6.81
N LEU B 310 15.87 17.83 5.64
CA LEU B 310 16.59 17.47 4.41
C LEU B 310 17.69 18.54 4.12
N ALA B 311 17.45 19.81 4.53
CA ALA B 311 18.39 20.94 4.44
C ALA B 311 19.68 20.70 5.27
N ALA B 312 19.58 19.86 6.33
CA ALA B 312 20.69 19.47 7.20
C ALA B 312 21.49 18.26 6.63
N ARG B 313 21.04 17.68 5.51
CA ARG B 313 21.67 16.50 4.88
C ARG B 313 21.54 16.51 3.33
N ARG B 314 21.75 17.67 2.71
CA ARG B 314 21.66 17.88 1.25
C ARG B 314 22.47 16.89 0.41
N GLU B 315 23.62 16.42 0.92
CA GLU B 315 24.49 15.45 0.25
C GLU B 315 23.79 14.09 0.06
N ASP B 316 22.71 13.83 0.83
CA ASP B 316 21.92 12.61 0.71
C ASP B 316 20.92 12.67 -0.43
N ILE B 317 20.55 13.87 -0.90
CA ILE B 317 19.54 14.05 -1.94
C ILE B 317 19.85 13.17 -3.19
N PRO B 318 21.07 13.15 -3.81
CA PRO B 318 21.27 12.26 -4.97
C PRO B 318 20.99 10.78 -4.67
N SER B 319 21.43 10.26 -3.52
CA SER B 319 21.18 8.87 -3.12
C SER B 319 19.68 8.58 -2.93
N LEU B 320 18.94 9.54 -2.34
CA LEU B 320 17.51 9.46 -2.10
C LEU B 320 16.72 9.50 -3.40
N VAL B 321 17.14 10.36 -4.39
CA VAL B 321 16.51 10.46 -5.71
C VAL B 321 16.64 9.08 -6.36
N GLU B 322 17.88 8.51 -6.39
CA GLU B 322 18.15 7.18 -6.93
C GLU B 322 17.28 6.13 -6.24
N PHE B 323 17.21 6.13 -4.88
CA PHE B 323 16.39 5.21 -4.10
C PHE B 323 14.89 5.33 -4.46
N PHE B 324 14.36 6.56 -4.53
CA PHE B 324 12.97 6.79 -4.88
C PHE B 324 12.65 6.39 -6.33
N MET B 325 13.60 6.57 -7.26
CA MET B 325 13.43 6.18 -8.67
C MET B 325 13.25 4.69 -8.83
N LYS B 326 13.95 3.90 -7.99
CA LYS B 326 13.82 2.44 -7.99
C LYS B 326 12.43 2.00 -7.49
N GLN B 327 11.87 2.69 -6.48
CA GLN B 327 10.54 2.40 -5.91
C GLN B 327 9.45 2.65 -6.94
N ILE B 328 9.53 3.78 -7.64
CA ILE B 328 8.56 4.19 -8.66
C ILE B 328 8.73 3.29 -9.89
N ALA B 329 9.96 2.79 -10.16
CA ALA B 329 10.21 1.88 -11.27
C ALA B 329 9.44 0.58 -10.99
N GLU B 330 9.50 0.13 -9.72
CA GLU B 330 8.80 -1.03 -9.20
C GLU B 330 7.26 -0.85 -9.22
N GLN B 331 6.76 0.31 -8.74
CA GLN B 331 5.33 0.60 -8.68
C GLN B 331 4.69 0.83 -10.04
N ALA B 332 5.34 1.63 -10.89
CA ALA B 332 4.80 2.11 -12.16
C ALA B 332 5.29 1.44 -13.43
N GLY B 333 6.47 0.84 -13.40
CA GLY B 333 7.04 0.27 -14.61
C GLY B 333 7.67 1.34 -15.46
N ILE B 334 8.06 2.47 -14.82
CA ILE B 334 8.75 3.56 -15.49
C ILE B 334 10.22 3.31 -15.23
N LYS B 335 11.05 3.27 -16.30
CA LYS B 335 12.49 3.03 -16.13
C LYS B 335 13.10 4.25 -15.42
N PRO B 336 14.00 4.05 -14.43
CA PRO B 336 14.62 5.21 -13.75
C PRO B 336 15.42 6.08 -14.74
N ARG B 337 15.45 7.38 -14.47
CA ARG B 337 16.07 8.36 -15.35
C ARG B 337 17.32 8.97 -14.75
N LYS B 338 18.15 9.59 -15.60
CA LYS B 338 19.34 10.28 -15.14
C LYS B 338 18.96 11.75 -14.95
N ILE B 339 19.18 12.27 -13.74
CA ILE B 339 18.87 13.68 -13.45
C ILE B 339 20.07 14.53 -13.90
N GLY B 340 19.79 15.59 -14.65
CA GLY B 340 20.82 16.51 -15.13
C GLY B 340 21.52 17.23 -13.99
N PRO B 341 22.82 17.61 -14.16
CA PRO B 341 23.51 18.30 -13.07
C PRO B 341 22.86 19.62 -12.65
N ASP B 342 22.21 20.34 -13.59
CA ASP B 342 21.50 21.59 -13.29
C ASP B 342 20.24 21.36 -12.45
N ALA B 343 19.39 20.38 -12.85
CA ALA B 343 18.16 20.01 -12.13
C ALA B 343 18.53 19.52 -10.71
N MET B 344 19.57 18.66 -10.59
CA MET B 344 20.10 18.17 -9.32
C MET B 344 20.61 19.32 -8.42
N ALA B 345 21.26 20.33 -9.01
CA ALA B 345 21.78 21.49 -8.29
C ALA B 345 20.64 22.31 -7.71
N VAL B 346 19.53 22.45 -8.45
CA VAL B 346 18.34 23.20 -8.03
C VAL B 346 17.63 22.41 -6.91
N LEU B 347 17.51 21.08 -7.07
CA LEU B 347 16.89 20.19 -6.09
C LEU B 347 17.65 20.27 -4.75
N GLN B 348 18.99 20.14 -4.81
CA GLN B 348 19.87 20.20 -3.64
C GLN B 348 19.86 21.55 -2.93
N ALA B 349 19.52 22.64 -3.64
CA ALA B 349 19.46 23.99 -3.09
C ALA B 349 18.13 24.36 -2.43
N HIS B 350 17.04 23.62 -2.73
CA HIS B 350 15.70 23.89 -2.21
C HIS B 350 15.63 23.71 -0.68
N SER B 351 14.74 24.47 0.00
CA SER B 351 14.60 24.42 1.46
C SER B 351 13.81 23.18 1.97
N TRP B 352 13.05 22.53 1.07
CA TRP B 352 12.23 21.33 1.31
C TRP B 352 11.36 21.39 2.57
N PRO B 353 10.31 22.26 2.62
CA PRO B 353 9.42 22.27 3.81
C PRO B 353 8.74 20.90 4.08
N GLY B 354 8.41 20.17 3.01
CA GLY B 354 7.84 18.82 3.08
C GLY B 354 8.89 17.70 3.09
N ASN B 355 10.16 18.10 3.16
CA ASN B 355 11.34 17.22 3.22
C ASN B 355 11.31 16.02 2.24
N LEU B 356 11.48 14.77 2.75
CA LEU B 356 11.56 13.54 1.95
C LEU B 356 10.27 13.16 1.28
N ARG B 357 9.12 13.43 1.93
CA ARG B 357 7.82 13.20 1.29
C ARG B 357 7.69 14.11 0.05
N GLN B 358 8.12 15.38 0.17
CA GLN B 358 8.13 16.34 -0.95
C GLN B 358 9.14 15.93 -2.06
N LEU B 359 10.35 15.46 -1.67
CA LEU B 359 11.37 14.98 -2.61
C LEU B 359 10.85 13.81 -3.46
N ARG B 360 10.27 12.78 -2.79
CA ARG B 360 9.70 11.59 -3.44
C ARG B 360 8.60 12.01 -4.44
N ASN B 361 7.68 12.89 -3.99
CA ASN B 361 6.58 13.39 -4.81
C ASN B 361 7.09 14.06 -6.10
N ASN B 362 8.17 14.86 -5.99
CA ASN B 362 8.82 15.55 -7.10
C ASN B 362 9.52 14.61 -8.05
N VAL B 363 10.19 13.57 -7.50
CA VAL B 363 10.87 12.50 -8.27
C VAL B 363 9.81 11.74 -9.09
N GLU B 364 8.69 11.39 -8.46
CA GLU B 364 7.60 10.67 -9.11
C GLU B 364 6.98 11.49 -10.25
N ARG B 365 6.72 12.80 -10.02
CA ARG B 365 6.18 13.68 -11.05
C ARG B 365 7.14 13.69 -12.26
N LEU B 366 8.47 13.79 -12.02
CA LEU B 366 9.48 13.82 -13.09
C LEU B 366 9.45 12.56 -13.91
N MET B 367 9.32 11.41 -13.25
CA MET B 367 9.26 10.10 -13.88
C MET B 367 8.00 9.92 -14.73
N ILE B 368 6.85 10.43 -14.25
CA ILE B 368 5.59 10.40 -14.97
C ILE B 368 5.72 11.23 -16.27
N LEU B 369 6.25 12.47 -16.15
CA LEU B 369 6.41 13.38 -17.28
C LEU B 369 7.39 12.93 -18.37
N THR B 370 8.39 12.13 -18.03
CA THR B 370 9.41 11.70 -18.98
C THR B 370 9.25 10.23 -19.40
N ARG B 371 8.20 9.54 -18.90
CA ARG B 371 7.88 8.14 -19.18
C ARG B 371 8.05 7.76 -20.68
N GLY B 372 7.58 8.62 -21.57
CA GLY B 372 7.67 8.39 -23.01
C GLY B 372 9.02 8.67 -23.66
N ASP B 373 9.81 9.58 -23.04
CA ASP B 373 11.13 10.04 -23.51
C ASP B 373 12.18 8.94 -23.67
N ASP B 374 13.24 9.24 -24.45
CA ASP B 374 14.38 8.39 -24.73
C ASP B 374 15.17 8.07 -23.45
N PRO B 375 15.78 6.87 -23.33
CA PRO B 375 16.51 6.53 -22.09
C PRO B 375 17.76 7.37 -21.81
N ASP B 376 18.51 7.73 -22.86
CA ASP B 376 19.75 8.53 -22.77
C ASP B 376 19.49 10.01 -22.43
N GLU B 377 18.22 10.48 -22.55
CA GLU B 377 17.81 11.86 -22.27
C GLU B 377 17.79 12.15 -20.76
N LEU B 378 18.39 13.29 -20.37
CA LEU B 378 18.47 13.70 -18.96
C LEU B 378 17.26 14.53 -18.55
N VAL B 379 16.86 14.41 -17.27
CA VAL B 379 15.77 15.21 -16.69
C VAL B 379 16.39 16.59 -16.44
N THR B 380 15.85 17.61 -17.10
CA THR B 380 16.35 18.99 -17.07
C THR B 380 15.58 19.89 -16.12
N ALA B 381 16.28 20.91 -15.61
CA ALA B 381 15.79 21.91 -14.65
C ALA B 381 14.47 22.63 -15.02
N ASP B 382 14.15 22.73 -16.33
CA ASP B 382 12.91 23.36 -16.81
C ASP B 382 11.65 22.55 -16.44
N LEU B 383 11.83 21.23 -16.23
CA LEU B 383 10.77 20.33 -15.83
C LEU B 383 10.36 20.49 -14.36
N LEU B 384 11.22 21.12 -13.55
CA LEU B 384 10.97 21.35 -12.13
C LEU B 384 9.83 22.33 -11.89
N PRO B 385 8.98 22.09 -10.86
CA PRO B 385 7.87 23.02 -10.62
C PRO B 385 8.35 24.38 -10.08
N ALA B 386 7.51 25.42 -10.22
CA ALA B 386 7.77 26.82 -9.85
C ALA B 386 8.38 27.06 -8.45
N GLU B 387 7.94 26.30 -7.42
CA GLU B 387 8.43 26.46 -6.04
C GLU B 387 9.87 25.95 -5.86
N ILE B 388 10.35 25.12 -6.80
CA ILE B 388 11.70 24.53 -6.80
C ILE B 388 12.52 25.20 -7.92
N THR B 397 -3.94 33.84 -8.51
CA THR B 397 -5.19 34.58 -8.26
C THR B 397 -6.15 33.86 -7.33
N GLU B 398 -7.23 34.58 -6.93
CA GLU B 398 -8.29 34.09 -6.05
C GLU B 398 -9.12 33.01 -6.73
N SER B 399 -9.59 32.06 -5.93
CA SER B 399 -10.43 30.93 -6.32
C SER B 399 -11.68 31.38 -7.11
N ASP B 400 -12.34 32.47 -6.65
CA ASP B 400 -13.54 33.07 -7.26
C ASP B 400 -13.25 33.71 -8.62
N GLN B 401 -11.99 34.14 -8.84
CA GLN B 401 -11.56 34.84 -10.05
C GLN B 401 -10.94 33.93 -11.14
N HIS B 402 -10.73 32.61 -10.91
CA HIS B 402 -10.12 31.77 -11.95
C HIS B 402 -11.06 31.52 -13.13
N ILE B 403 -10.53 31.63 -14.35
CA ILE B 403 -11.26 31.50 -15.63
C ILE B 403 -12.06 30.19 -15.71
N MET B 404 -11.45 29.06 -15.35
CA MET B 404 -12.11 27.75 -15.37
C MET B 404 -13.32 27.64 -14.43
N ALA B 405 -13.33 28.44 -13.35
CA ALA B 405 -14.42 28.46 -12.37
C ALA B 405 -15.49 29.54 -12.67
N LEU B 406 -15.26 30.37 -13.69
CA LEU B 406 -16.19 31.45 -14.06
C LEU B 406 -17.09 31.10 -15.25
N PRO B 407 -18.33 31.68 -15.34
CA PRO B 407 -19.15 31.51 -16.55
C PRO B 407 -18.52 32.28 -17.73
N LEU B 408 -19.02 32.07 -18.97
CA LEU B 408 -18.45 32.66 -20.20
C LEU B 408 -18.25 34.18 -20.17
N ARG B 409 -19.28 34.98 -19.84
CA ARG B 409 -19.15 36.43 -19.87
C ARG B 409 -18.03 36.95 -18.97
N GLU B 410 -18.02 36.53 -17.68
CA GLU B 410 -17.03 36.89 -16.64
C GLU B 410 -15.65 36.41 -17.01
N ALA B 411 -15.55 35.18 -17.53
CA ALA B 411 -14.30 34.57 -17.96
C ALA B 411 -13.69 35.35 -19.13
N ARG B 412 -14.55 35.79 -20.07
CA ARG B 412 -14.18 36.60 -21.23
C ARG B 412 -13.68 37.98 -20.77
N GLU B 413 -14.39 38.61 -19.81
CA GLU B 413 -14.03 39.88 -19.20
C GLU B 413 -12.67 39.81 -18.48
N ARG B 414 -12.42 38.74 -17.69
CA ARG B 414 -11.13 38.56 -17.03
C ARG B 414 -10.00 38.40 -18.06
N PHE B 415 -10.21 37.54 -19.09
CA PHE B 415 -9.20 37.34 -20.15
C PHE B 415 -8.87 38.67 -20.82
N GLU B 416 -9.90 39.48 -21.17
CA GLU B 416 -9.74 40.77 -21.85
C GLU B 416 -8.90 41.75 -21.02
N LYS B 417 -9.20 41.85 -19.73
CA LYS B 417 -8.50 42.68 -18.77
C LYS B 417 -7.03 42.27 -18.63
N GLU B 418 -6.74 40.96 -18.47
CA GLU B 418 -5.38 40.43 -18.32
C GLU B 418 -4.58 40.53 -19.58
N TYR B 419 -5.23 40.34 -20.72
CA TYR B 419 -4.62 40.48 -22.04
C TYR B 419 -4.16 41.94 -22.24
N LEU B 420 -5.03 42.91 -21.92
CA LEU B 420 -4.71 44.33 -22.11
C LEU B 420 -3.61 44.77 -21.14
N ILE B 421 -3.69 44.34 -19.87
CA ILE B 421 -2.68 44.62 -18.84
C ILE B 421 -1.31 44.08 -19.31
N ALA B 422 -1.27 42.84 -19.83
CA ALA B 422 -0.05 42.23 -20.35
C ALA B 422 0.48 42.93 -21.59
N GLN B 423 -0.40 43.43 -22.48
CA GLN B 423 0.01 44.14 -23.70
C GLN B 423 0.59 45.52 -23.37
N ILE B 424 0.06 46.18 -22.32
CA ILE B 424 0.54 47.49 -21.87
C ILE B 424 1.98 47.36 -21.32
N ASN B 425 2.21 46.36 -20.46
CA ASN B 425 3.53 46.04 -19.87
C ASN B 425 4.53 45.67 -20.96
N ARG B 426 4.06 44.97 -22.03
CA ARG B 426 4.84 44.58 -23.21
C ARG B 426 5.36 45.83 -23.95
N PHE B 427 4.52 46.89 -24.05
CA PHE B 427 4.87 48.16 -24.71
C PHE B 427 5.32 49.23 -23.67
N GLY B 428 5.59 48.75 -22.45
CA GLY B 428 6.05 49.55 -21.31
C GLY B 428 5.23 50.77 -20.97
N GLY B 429 3.90 50.62 -20.96
CA GLY B 429 2.99 51.70 -20.60
C GLY B 429 2.58 52.63 -21.73
N ASN B 430 3.11 52.45 -22.95
CA ASN B 430 2.75 53.29 -24.11
C ASN B 430 1.35 52.85 -24.65
N ILE B 431 0.30 53.52 -24.14
CA ILE B 431 -1.12 53.28 -24.45
C ILE B 431 -1.42 53.39 -25.97
N SER B 432 -0.94 54.45 -26.64
CA SER B 432 -1.18 54.68 -28.08
C SER B 432 -0.63 53.56 -28.99
N ARG B 433 0.52 52.97 -28.63
CA ARG B 433 1.14 51.88 -29.39
C ARG B 433 0.48 50.56 -29.05
N THR B 434 -0.03 50.44 -27.82
CA THR B 434 -0.76 49.24 -27.35
C THR B 434 -2.08 49.20 -28.10
N ALA B 435 -2.81 50.34 -28.11
CA ALA B 435 -4.08 50.55 -28.79
C ALA B 435 -3.97 50.12 -30.24
N GLU B 436 -2.97 50.65 -30.96
CA GLU B 436 -2.69 50.37 -32.37
C GLU B 436 -2.46 48.88 -32.62
N PHE B 437 -1.66 48.22 -31.75
CA PHE B 437 -1.36 46.80 -31.85
C PHE B 437 -2.58 45.91 -31.53
N VAL B 438 -3.37 46.26 -30.49
CA VAL B 438 -4.52 45.44 -30.08
C VAL B 438 -5.71 45.62 -31.03
N GLY B 439 -5.70 46.67 -31.84
CA GLY B 439 -6.73 46.97 -32.82
C GLY B 439 -7.77 47.95 -32.32
N MET B 440 -7.39 48.78 -31.36
CA MET B 440 -8.25 49.79 -30.77
C MET B 440 -7.77 51.23 -31.06
N GLU B 441 -8.72 52.19 -30.95
CA GLU B 441 -8.46 53.62 -31.01
C GLU B 441 -8.09 54.02 -29.54
N ARG B 442 -7.13 54.99 -29.37
CA ARG B 442 -6.58 55.43 -28.08
C ARG B 442 -7.60 55.65 -26.97
N SER B 443 -8.60 56.53 -27.18
CA SER B 443 -9.62 56.84 -26.16
C SER B 443 -10.52 55.63 -25.81
N ALA B 444 -10.81 54.77 -26.81
CA ALA B 444 -11.60 53.55 -26.64
C ALA B 444 -10.87 52.59 -25.67
N LEU B 445 -9.52 52.48 -25.79
CA LEU B 445 -8.72 51.64 -24.89
C LEU B 445 -8.80 52.18 -23.47
N HIS B 446 -8.69 53.52 -23.29
CA HIS B 446 -8.82 54.22 -22.02
C HIS B 446 -10.13 53.90 -21.35
N ARG B 447 -11.26 54.09 -22.07
CA ARG B 447 -12.63 53.80 -21.60
C ARG B 447 -12.83 52.33 -21.29
N LYS B 448 -12.21 51.41 -22.08
CA LYS B 448 -12.32 49.96 -21.87
C LYS B 448 -11.57 49.57 -20.58
N LEU B 449 -10.33 50.07 -20.40
CA LEU B 449 -9.50 49.84 -19.20
C LEU B 449 -10.26 50.25 -17.92
N LYS B 450 -10.90 51.45 -17.93
CA LYS B 450 -11.68 52.00 -16.82
C LYS B 450 -12.89 51.12 -16.56
N SER B 451 -13.67 50.77 -17.61
CA SER B 451 -14.83 49.89 -17.50
C SER B 451 -14.46 48.50 -16.92
N LEU B 452 -13.21 48.04 -17.15
CA LEU B 452 -12.70 46.77 -16.64
C LEU B 452 -12.09 46.90 -15.22
N GLY B 453 -12.00 48.13 -14.71
CA GLY B 453 -11.47 48.40 -13.38
C GLY B 453 -9.96 48.28 -13.26
N VAL B 454 -9.23 48.71 -14.30
CA VAL B 454 -7.77 48.70 -14.32
C VAL B 454 -7.27 50.05 -13.78
#